data_4RO7
# 
_entry.id   4RO7 
# 
_audit_conform.dict_name       mmcif_pdbx.dic 
_audit_conform.dict_version    5.379 
_audit_conform.dict_location   http://mmcif.pdb.org/dictionaries/ascii/mmcif_pdbx.dic 
# 
loop_
_database_2.database_id 
_database_2.database_code 
_database_2.pdbx_database_accession 
_database_2.pdbx_DOI 
PDB   4RO7         pdb_00004ro7 10.2210/pdb4ro7/pdb 
NDB   NA3263       ?            ?                   
RCSB  RCSB087588   ?            ?                   
WWPDB D_1000087588 ?            ?                   
# 
loop_
_pdbx_database_related.db_name 
_pdbx_database_related.db_id 
_pdbx_database_related.details 
_pdbx_database_related.content_type 
PDB 4RNK 'Sequence and structure of a self-assembled 3-D DNA crystal: D(GGAAAATTTGGAG)' unspecified 
PDB 1P1Y 'Crystal structure of a continuous three-dimensional DNA lattice.'             unspecified 
PDB 4RO4 .                                                                              unspecified 
PDB 4RO8 .                                                                              unspecified 
PDB 4ROG .                                                                              unspecified 
PDB 4ROK .                                                                              unspecified 
PDB 4RON .                                                                              unspecified 
PDB 4ROO .                                                                              unspecified 
# 
_pdbx_database_status.status_code                     REL 
_pdbx_database_status.entry_id                        4RO7 
_pdbx_database_status.recvd_initial_deposition_date   2014-10-28 
_pdbx_database_status.deposit_site                    RCSB 
_pdbx_database_status.process_site                    RCSB 
_pdbx_database_status.status_code_sf                  REL 
_pdbx_database_status.status_code_mr                  ? 
_pdbx_database_status.SG_entry                        ? 
_pdbx_database_status.status_code_cs                  ? 
_pdbx_database_status.methods_development_category    ? 
_pdbx_database_status.pdb_format_compatible           Y 
_pdbx_database_status.status_code_nmr_data            ? 
# 
loop_
_audit_author.name 
_audit_author.pdbx_ordinal 
'Saoji, M.M.'      1 
'Paukstelis, P.J.' 2 
# 
loop_
_citation.id 
_citation.title 
_citation.journal_abbrev 
_citation.journal_volume 
_citation.page_first 
_citation.page_last 
_citation.year 
_citation.journal_id_ASTM 
_citation.country 
_citation.journal_id_ISSN 
_citation.journal_id_CSD 
_citation.book_publisher 
_citation.pdbx_database_id_PubMed 
_citation.pdbx_database_id_DOI 
primary 'Probing the role of sequence in the assembly of three-dimensional DNA crystals.' Biopolymers 103 618  626  2015 BIPMAA US 
0006-3525 0161 ? 26015367 10.1002/bip.22688              
1       'Crystal structure of a continuous three-dimensional DNA lattice.'                Chem.Biol.  11  1119 1126 2004 CBOLE2 UK 
1074-5521 2050 ? 15324813 10.1016/j.chembiol.2004.05.021 
# 
loop_
_citation_author.citation_id 
_citation_author.name 
_citation_author.ordinal 
_citation_author.identifier_ORCID 
primary 'Saoji, M.'        1 ? 
primary 'Zhang, D.'        2 ? 
primary 'Paukstelis, P.J.' 3 ? 
1       'Paukstelis, P.J.' 4 ? 
1       'Nowakowski, J.'   5 ? 
1       'Birktoft, J.J.'   6 ? 
1       'Seeman, N.C.'     7 ? 
# 
_cell.entry_id           4RO7 
_cell.length_a           40.317 
_cell.length_b           40.317 
_cell.length_c           54.958 
_cell.angle_alpha        90.00 
_cell.angle_beta         90.00 
_cell.angle_gamma        120.00 
_cell.Z_PDB              6 
_cell.pdbx_unique_axis   ? 
_cell.length_a_esd       ? 
_cell.length_b_esd       ? 
_cell.length_c_esd       ? 
_cell.angle_alpha_esd    ? 
_cell.angle_beta_esd     ? 
_cell.angle_gamma_esd    ? 
# 
_symmetry.entry_id                         4RO7 
_symmetry.space_group_name_H-M             'P 64' 
_symmetry.pdbx_full_space_group_name_H-M   ? 
_symmetry.cell_setting                     ? 
_symmetry.Int_Tables_number                172 
_symmetry.space_group_name_Hall            ? 
# 
loop_
_entity.id 
_entity.type 
_entity.src_method 
_entity.pdbx_description 
_entity.formula_weight 
_entity.pdbx_number_of_molecules 
_entity.pdbx_ec 
_entity.pdbx_mutation 
_entity.pdbx_fragment 
_entity.details 
1 polymer     syn 'D(GGAAAGCTTGGAG)' 4080.672 1 ? ? ? ? 
2 non-polymer syn 'MAGNESIUM ION'    24.305   1 ? ? ? ? 
3 water       nat water              18.015   7 ? ? ? ? 
# 
_entity_poly.entity_id                      1 
_entity_poly.type                           polydeoxyribonucleotide 
_entity_poly.nstd_linkage                   no 
_entity_poly.nstd_monomer                   no 
_entity_poly.pdbx_seq_one_letter_code       '(DG)(DG)(DA)(DA)(DA)(DG)(DC)(DT)(DT)(DG)(DG)(DA)(DG)' 
_entity_poly.pdbx_seq_one_letter_code_can   GGAAAGCTTGGAG 
_entity_poly.pdbx_strand_id                 A 
_entity_poly.pdbx_target_identifier         ? 
# 
loop_
_entity_poly_seq.entity_id 
_entity_poly_seq.num 
_entity_poly_seq.mon_id 
_entity_poly_seq.hetero 
1 1  DG n 
1 2  DG n 
1 3  DA n 
1 4  DA n 
1 5  DA n 
1 6  DG n 
1 7  DC n 
1 8  DT n 
1 9  DT n 
1 10 DG n 
1 11 DG n 
1 12 DA n 
1 13 DG n 
# 
_pdbx_entity_src_syn.entity_id              1 
_pdbx_entity_src_syn.pdbx_src_id            1 
_pdbx_entity_src_syn.pdbx_alt_source_flag   sample 
_pdbx_entity_src_syn.pdbx_beg_seq_num       ? 
_pdbx_entity_src_syn.pdbx_end_seq_num       ? 
_pdbx_entity_src_syn.organism_scientific    ? 
_pdbx_entity_src_syn.organism_common_name   ? 
_pdbx_entity_src_syn.ncbi_taxonomy_id       ? 
_pdbx_entity_src_syn.details                'Artificial DNA molecule synthesized using a DNA synthesizer' 
# 
_struct_ref.id                         1 
_struct_ref.db_name                    PDB 
_struct_ref.db_code                    4RO7 
_struct_ref.pdbx_db_accession          4RO7 
_struct_ref.entity_id                  1 
_struct_ref.pdbx_align_begin           ? 
_struct_ref.pdbx_seq_one_letter_code   GGAAAGCTTGGAG 
_struct_ref.pdbx_db_isoform            ? 
# 
_struct_ref_seq.align_id                      1 
_struct_ref_seq.ref_id                        1 
_struct_ref_seq.pdbx_PDB_id_code              4RO7 
_struct_ref_seq.pdbx_strand_id                A 
_struct_ref_seq.seq_align_beg                 1 
_struct_ref_seq.pdbx_seq_align_beg_ins_code   ? 
_struct_ref_seq.seq_align_end                 13 
_struct_ref_seq.pdbx_seq_align_end_ins_code   ? 
_struct_ref_seq.pdbx_db_accession             4RO7 
_struct_ref_seq.db_align_beg                  1 
_struct_ref_seq.pdbx_db_align_beg_ins_code    ? 
_struct_ref_seq.db_align_end                  13 
_struct_ref_seq.pdbx_db_align_end_ins_code    ? 
_struct_ref_seq.pdbx_auth_seq_align_beg       1 
_struct_ref_seq.pdbx_auth_seq_align_end       13 
# 
loop_
_chem_comp.id 
_chem_comp.type 
_chem_comp.mon_nstd_flag 
_chem_comp.name 
_chem_comp.pdbx_synonyms 
_chem_comp.formula 
_chem_comp.formula_weight 
DA  'DNA linking' y "2'-DEOXYADENOSINE-5'-MONOPHOSPHATE" ? 'C10 H14 N5 O6 P' 331.222 
DC  'DNA linking' y "2'-DEOXYCYTIDINE-5'-MONOPHOSPHATE"  ? 'C9 H14 N3 O7 P'  307.197 
DG  'DNA linking' y "2'-DEOXYGUANOSINE-5'-MONOPHOSPHATE" ? 'C10 H14 N5 O7 P' 347.221 
DT  'DNA linking' y "THYMIDINE-5'-MONOPHOSPHATE"         ? 'C10 H15 N2 O8 P' 322.208 
HOH non-polymer   . WATER                                ? 'H2 O'            18.015  
MG  non-polymer   . 'MAGNESIUM ION'                      ? 'Mg 2'            24.305  
# 
_exptl.entry_id          4RO7 
_exptl.method            'X-RAY DIFFRACTION' 
_exptl.crystals_number   1 
# 
_exptl_crystal.id                    1 
_exptl_crystal.density_meas          ? 
_exptl_crystal.density_Matthews      3.16 
_exptl_crystal.density_percent_sol   61.07 
_exptl_crystal.description           ? 
_exptl_crystal.F_000                 ? 
_exptl_crystal.preparation           ? 
# 
_exptl_crystal_grow.crystal_id      1 
_exptl_crystal_grow.method          EVAPORATION 
_exptl_crystal_grow.temp            298 
_exptl_crystal_grow.temp_details    ? 
_exptl_crystal_grow.pH              ? 
_exptl_crystal_grow.pdbx_details    
'120mM Magnesium Formate, 50mM Lithium Chloride, 10% MPD, pH none, EVAPORATION, temperature 298K' 
_exptl_crystal_grow.pdbx_pH_range   none 
# 
_diffrn.id                     1 
_diffrn.ambient_temp           100 
_diffrn.ambient_temp_details   ? 
_diffrn.crystal_id             1 
# 
_diffrn_detector.diffrn_id              1 
_diffrn_detector.detector               PIXEL 
_diffrn_detector.type                   'DECTRIS PILATUS 6M-F' 
_diffrn_detector.pdbx_collection_date   2014-06-29 
_diffrn_detector.details                ? 
# 
_diffrn_radiation.diffrn_id                        1 
_diffrn_radiation.wavelength_id                    1 
_diffrn_radiation.pdbx_monochromatic_or_laue_m_l   M 
_diffrn_radiation.monochromator                    'Si(111)' 
_diffrn_radiation.pdbx_diffrn_protocol             'SINGLE WAVELENGTH' 
_diffrn_radiation.pdbx_scattering_type             x-ray 
# 
_diffrn_radiation_wavelength.id           1 
_diffrn_radiation_wavelength.wavelength   0.979200 
_diffrn_radiation_wavelength.wt           1.0 
# 
_diffrn_source.diffrn_id                   1 
_diffrn_source.source                      SYNCHROTRON 
_diffrn_source.type                        'APS BEAMLINE 24-ID-C' 
_diffrn_source.pdbx_synchrotron_site       APS 
_diffrn_source.pdbx_synchrotron_beamline   24-ID-C 
_diffrn_source.pdbx_wavelength             ? 
_diffrn_source.pdbx_wavelength_list        0.979200 
# 
_reflns.entry_id                     4RO7 
_reflns.observed_criterion_sigma_I   0 
_reflns.observed_criterion_sigma_F   0 
_reflns.d_resolution_low             54.96 
_reflns.d_resolution_high            2.03 
_reflns.number_obs                   3297 
_reflns.number_all                   ? 
_reflns.percent_possible_obs         ? 
_reflns.pdbx_Rmerge_I_obs            0.030 
_reflns.pdbx_Rsym_value              ? 
_reflns.pdbx_netI_over_sigmaI        26.3 
_reflns.B_iso_Wilson_estimate        ? 
_reflns.pdbx_redundancy              5.0 
_reflns.R_free_details               ? 
_reflns.limit_h_max                  ? 
_reflns.limit_h_min                  ? 
_reflns.limit_k_max                  ? 
_reflns.limit_k_min                  ? 
_reflns.limit_l_max                  ? 
_reflns.limit_l_min                  ? 
_reflns.observed_criterion_F_max     ? 
_reflns.observed_criterion_F_min     ? 
_reflns.pdbx_chi_squared             ? 
_reflns.pdbx_scaling_rejects         ? 
_reflns.pdbx_ordinal                 1 
_reflns.pdbx_diffrn_id               1 
# 
_reflns_shell.d_res_high             2.03 
_reflns_shell.d_res_low              2.14 
_reflns_shell.percent_possible_all   ? 
_reflns_shell.Rmerge_I_obs           2.171 
_reflns_shell.pdbx_Rsym_value        ? 
_reflns_shell.meanI_over_sigI_obs    0.9 
_reflns_shell.pdbx_redundancy        5.1 
_reflns_shell.percent_possible_obs   ? 
_reflns_shell.number_unique_all      482 
_reflns_shell.number_measured_all    ? 
_reflns_shell.number_measured_obs    ? 
_reflns_shell.number_unique_obs      ? 
_reflns_shell.pdbx_chi_squared       ? 
_reflns_shell.pdbx_ordinal           1 
_reflns_shell.pdbx_diffrn_id         1 
# 
_refine.entry_id                                 4RO7 
_refine.ls_number_reflns_obs                     2952 
_refine.ls_number_reflns_all                     ? 
_refine.pdbx_ls_sigma_I                          ? 
_refine.pdbx_ls_sigma_F                          . 
_refine.pdbx_data_cutoff_high_absF               ? 
_refine.pdbx_data_cutoff_low_absF                ? 
_refine.pdbx_data_cutoff_high_rms_absF           ? 
_refine.ls_d_res_low                             34.92 
_refine.ls_d_res_high                            2.03 
_refine.ls_percent_reflns_obs                    97.32 
_refine.ls_R_factor_obs                          0.22455 
_refine.ls_R_factor_all                          ? 
_refine.ls_R_factor_R_work                       0.22186 
_refine.ls_R_factor_R_free                       0.25134 
_refine.ls_R_factor_R_free_error                 ? 
_refine.ls_R_factor_R_free_error_details         ? 
_refine.ls_percent_reflns_R_free                 8.6 
_refine.ls_number_reflns_R_free                  277 
_refine.ls_number_parameters                     ? 
_refine.ls_number_restraints                     ? 
_refine.occupancy_min                            ? 
_refine.occupancy_max                            ? 
_refine.correlation_coeff_Fo_to_Fc               0.970 
_refine.correlation_coeff_Fo_to_Fc_free          0.954 
_refine.B_iso_mean                               82.706 
_refine.aniso_B[1][1]                            0.33 
_refine.aniso_B[2][2]                            0.33 
_refine.aniso_B[3][3]                            -1.06 
_refine.aniso_B[1][2]                            0.16 
_refine.aniso_B[1][3]                            -0.00 
_refine.aniso_B[2][3]                            0.00 
_refine.solvent_model_details                    MASK 
_refine.solvent_model_param_ksol                 ? 
_refine.solvent_model_param_bsol                 ? 
_refine.pdbx_solvent_vdw_probe_radii             1.30 
_refine.pdbx_solvent_ion_probe_radii             0.90 
_refine.pdbx_solvent_shrinkage_radii             0.90 
_refine.pdbx_ls_cross_valid_method               THROUGHOUT 
_refine.details                                  'HYDROGENS HAVE BEEN ADDED IN THE RIDING POSITIONS' 
_refine.pdbx_starting_model                      'PDB ENTRY 1P1Y' 
_refine.pdbx_method_to_determine_struct          'MOLECULAR REPLACEMENT' 
_refine.pdbx_isotropic_thermal_model             ? 
_refine.pdbx_stereochemistry_target_values       'MAXIMUM LIKELIHOOD' 
_refine.pdbx_stereochem_target_val_spec_case     ? 
_refine.pdbx_R_Free_selection_details            RANDOM 
_refine.pdbx_overall_ESU_R                       0.174 
_refine.pdbx_overall_ESU_R_Free                  0.158 
_refine.overall_SU_ML                            0.220 
_refine.pdbx_overall_phase_error                 ? 
_refine.overall_SU_B                             21.236 
_refine.overall_SU_R_Cruickshank_DPI             ? 
_refine.ls_redundancy_reflns_obs                 ? 
_refine.B_iso_min                                ? 
_refine.B_iso_max                                ? 
_refine.overall_SU_R_free                        ? 
_refine.ls_wR_factor_R_free                      ? 
_refine.ls_wR_factor_R_work                      ? 
_refine.overall_FOM_free_R_set                   ? 
_refine.overall_FOM_work_R_set                   ? 
_refine.pdbx_diffrn_id                           1 
_refine.pdbx_refine_id                           'X-RAY DIFFRACTION' 
_refine.pdbx_TLS_residual_ADP_flag               ? 
_refine.pdbx_overall_SU_R_free_Cruickshank_DPI   ? 
_refine.pdbx_overall_SU_R_Blow_DPI               ? 
_refine.pdbx_overall_SU_R_free_Blow_DPI          ? 
# 
_refine_hist.pdbx_refine_id                   'X-RAY DIFFRACTION' 
_refine_hist.cycle_id                         LAST 
_refine_hist.pdbx_number_atoms_protein        0 
_refine_hist.pdbx_number_atoms_nucleic_acid   254 
_refine_hist.pdbx_number_atoms_ligand         1 
_refine_hist.number_atoms_solvent             7 
_refine_hist.number_atoms_total               262 
_refine_hist.d_res_high                       2.03 
_refine_hist.d_res_low                        34.92 
# 
loop_
_refine_ls_restr.type 
_refine_ls_restr.dev_ideal 
_refine_ls_restr.dev_ideal_target 
_refine_ls_restr.weight 
_refine_ls_restr.number 
_refine_ls_restr.pdbx_restraint_function 
_refine_ls_restr.pdbx_refine_id 
r_bond_refined_d             0.006 0.011  ? 286 ? 'X-RAY DIFFRACTION' 
r_bond_other_d               0.002 0.020  ? 135 ? 'X-RAY DIFFRACTION' 
r_angle_refined_deg          1.173 1.155  ? 442 ? 'X-RAY DIFFRACTION' 
r_angle_other_deg            1.699 3.000  ? 319 ? 'X-RAY DIFFRACTION' 
r_dihedral_angle_1_deg       ?     ?      ? ?   ? 'X-RAY DIFFRACTION' 
r_dihedral_angle_2_deg       ?     ?      ? ?   ? 'X-RAY DIFFRACTION' 
r_dihedral_angle_3_deg       ?     ?      ? ?   ? 'X-RAY DIFFRACTION' 
r_dihedral_angle_4_deg       ?     ?      ? ?   ? 'X-RAY DIFFRACTION' 
r_chiral_restr               0.074 0.200  ? 36  ? 'X-RAY DIFFRACTION' 
r_gen_planes_refined         0.010 0.020  ? 151 ? 'X-RAY DIFFRACTION' 
r_gen_planes_other           0.002 0.020  ? 62  ? 'X-RAY DIFFRACTION' 
r_nbd_refined                ?     ?      ? ?   ? 'X-RAY DIFFRACTION' 
r_nbd_other                  ?     ?      ? ?   ? 'X-RAY DIFFRACTION' 
r_nbtor_refined              ?     ?      ? ?   ? 'X-RAY DIFFRACTION' 
r_nbtor_other                ?     ?      ? ?   ? 'X-RAY DIFFRACTION' 
r_xyhbond_nbd_refined        ?     ?      ? ?   ? 'X-RAY DIFFRACTION' 
r_xyhbond_nbd_other          ?     ?      ? ?   ? 'X-RAY DIFFRACTION' 
r_metal_ion_refined          ?     ?      ? ?   ? 'X-RAY DIFFRACTION' 
r_metal_ion_other            ?     ?      ? ?   ? 'X-RAY DIFFRACTION' 
r_symmetry_vdw_refined       ?     ?      ? ?   ? 'X-RAY DIFFRACTION' 
r_symmetry_vdw_other         ?     ?      ? ?   ? 'X-RAY DIFFRACTION' 
r_symmetry_hbond_refined     ?     ?      ? ?   ? 'X-RAY DIFFRACTION' 
r_symmetry_hbond_other       ?     ?      ? ?   ? 'X-RAY DIFFRACTION' 
r_symmetry_metal_ion_refined ?     ?      ? ?   ? 'X-RAY DIFFRACTION' 
r_symmetry_metal_ion_other   ?     ?      ? ?   ? 'X-RAY DIFFRACTION' 
r_mcbond_it                  ?     ?      ? ?   ? 'X-RAY DIFFRACTION' 
r_mcbond_other               ?     ?      ? ?   ? 'X-RAY DIFFRACTION' 
r_mcangle_it                 ?     ?      ? ?   ? 'X-RAY DIFFRACTION' 
r_mcangle_other              ?     ?      ? ?   ? 'X-RAY DIFFRACTION' 
r_scbond_it                  2.383 4.085  ? 285 ? 'X-RAY DIFFRACTION' 
r_scbond_other               2.385 4.064  ? 283 ? 'X-RAY DIFFRACTION' 
r_scangle_it                 ?     ?      ? ?   ? 'X-RAY DIFFRACTION' 
r_scangle_other              3.860 6.127  ? 439 ? 'X-RAY DIFFRACTION' 
r_long_range_B_refined       5.073 39.674 ? 415 ? 'X-RAY DIFFRACTION' 
r_long_range_B_other         4.938 39.349 ? 413 ? 'X-RAY DIFFRACTION' 
r_rigid_bond_restr           ?     ?      ? ?   ? 'X-RAY DIFFRACTION' 
r_sphericity_free            ?     ?      ? ?   ? 'X-RAY DIFFRACTION' 
r_sphericity_bonded          ?     ?      ? ?   ? 'X-RAY DIFFRACTION' 
# 
_refine_ls_shell.pdbx_total_number_of_bins_used   20 
_refine_ls_shell.d_res_high                       2.031 
_refine_ls_shell.d_res_low                        2.084 
_refine_ls_shell.number_reflns_R_work             191 
_refine_ls_shell.R_factor_R_work                  0.522 
_refine_ls_shell.percent_reflns_obs               84.12 
_refine_ls_shell.R_factor_R_free                  0.655 
_refine_ls_shell.R_factor_R_free_error            ? 
_refine_ls_shell.percent_reflns_R_free            ? 
_refine_ls_shell.number_reflns_R_free             5 
_refine_ls_shell.number_reflns_all                ? 
_refine_ls_shell.R_factor_all                     ? 
_refine_ls_shell.number_reflns_obs                ? 
_refine_ls_shell.redundancy_reflns_obs            ? 
_refine_ls_shell.pdbx_refine_id                   'X-RAY DIFFRACTION' 
# 
_struct.entry_id                  4RO7 
_struct.title                     'Sequence and structure of a self-assembled 3-D DNA crystal: D(GGAAAGCTTGGAG)' 
_struct.pdbx_model_details        ? 
_struct.pdbx_CASP_flag            ? 
_struct.pdbx_model_type_details   ? 
# 
_struct_keywords.entry_id        4RO7 
_struct_keywords.pdbx_keywords   DNA 
_struct_keywords.text            'Synthetic self-assembled DNA crystal., DNA' 
# 
loop_
_struct_asym.id 
_struct_asym.pdbx_blank_PDB_chainid_flag 
_struct_asym.pdbx_modified 
_struct_asym.entity_id 
_struct_asym.details 
A N N 1 ? 
B N N 2 ? 
C N N 3 ? 
# 
_struct_biol.id        1 
_struct_biol.details   ? 
# 
loop_
_struct_conn.id 
_struct_conn.conn_type_id 
_struct_conn.pdbx_leaving_atom_flag 
_struct_conn.pdbx_PDB_id 
_struct_conn.ptnr1_label_asym_id 
_struct_conn.ptnr1_label_comp_id 
_struct_conn.ptnr1_label_seq_id 
_struct_conn.ptnr1_label_atom_id 
_struct_conn.pdbx_ptnr1_label_alt_id 
_struct_conn.pdbx_ptnr1_PDB_ins_code 
_struct_conn.pdbx_ptnr1_standard_comp_id 
_struct_conn.ptnr1_symmetry 
_struct_conn.ptnr2_label_asym_id 
_struct_conn.ptnr2_label_comp_id 
_struct_conn.ptnr2_label_seq_id 
_struct_conn.ptnr2_label_atom_id 
_struct_conn.pdbx_ptnr2_label_alt_id 
_struct_conn.pdbx_ptnr2_PDB_ins_code 
_struct_conn.ptnr1_auth_asym_id 
_struct_conn.ptnr1_auth_comp_id 
_struct_conn.ptnr1_auth_seq_id 
_struct_conn.ptnr2_auth_asym_id 
_struct_conn.ptnr2_auth_comp_id 
_struct_conn.ptnr2_auth_seq_id 
_struct_conn.ptnr2_symmetry 
_struct_conn.pdbx_ptnr3_label_atom_id 
_struct_conn.pdbx_ptnr3_label_seq_id 
_struct_conn.pdbx_ptnr3_label_comp_id 
_struct_conn.pdbx_ptnr3_label_asym_id 
_struct_conn.pdbx_ptnr3_label_alt_id 
_struct_conn.pdbx_ptnr3_PDB_ins_code 
_struct_conn.details 
_struct_conn.pdbx_dist_value 
_struct_conn.pdbx_value_order 
_struct_conn.pdbx_role 
metalc1  metalc ? ? B MG . MG ? ? ? 1_555 C HOH . O  ? ? A MG 101 A HOH 202 1_555 ? ? ? ? ? ? ?            1.752 ? ? 
metalc2  metalc ? ? B MG . MG ? ? ? 1_555 C HOH . O  ? ? A MG 101 A HOH 203 1_555 ? ? ? ? ? ? ?            2.100 ? ? 
metalc3  metalc ? ? B MG . MG ? ? ? 1_555 C HOH . O  ? ? A MG 101 A HOH 204 1_555 ? ? ? ? ? ? ?            2.389 ? ? 
hydrog1  hydrog ? ? A DA 4 N1 ? ? ? 1_555 A DT  9 N3 ? ? A DA 4   A DT  9   4_545 ? ? ? ? ? ? WATSON-CRICK ?     ? ? 
hydrog2  hydrog ? ? A DA 4 N6 ? ? ? 1_555 A DT  9 O4 ? ? A DA 4   A DT  9   4_545 ? ? ? ? ? ? WATSON-CRICK ?     ? ? 
hydrog3  hydrog ? ? A DA 5 N1 ? ? ? 1_555 A DT  8 N3 ? ? A DA 5   A DT  8   4_545 ? ? ? ? ? ? WATSON-CRICK ?     ? ? 
hydrog4  hydrog ? ? A DA 5 N6 ? ? ? 1_555 A DT  8 O4 ? ? A DA 5   A DT  8   4_545 ? ? ? ? ? ? WATSON-CRICK ?     ? ? 
hydrog5  hydrog ? ? A DG 6 N1 ? ? ? 1_555 A DC  7 N3 ? ? A DG 6   A DC  7   4_545 ? ? ? ? ? ? WATSON-CRICK ?     ? ? 
hydrog6  hydrog ? ? A DG 6 N2 ? ? ? 1_555 A DC  7 O2 ? ? A DG 6   A DC  7   4_545 ? ? ? ? ? ? WATSON-CRICK ?     ? ? 
hydrog7  hydrog ? ? A DG 6 O6 ? ? ? 1_555 A DC  7 N4 ? ? A DG 6   A DC  7   4_545 ? ? ? ? ? ? WATSON-CRICK ?     ? ? 
hydrog8  hydrog ? ? A DC 7 N3 ? ? ? 1_555 A DG  6 N1 ? ? A DC 7   A DG  6   4_545 ? ? ? ? ? ? WATSON-CRICK ?     ? ? 
hydrog9  hydrog ? ? A DC 7 N4 ? ? ? 1_555 A DG  6 O6 ? ? A DC 7   A DG  6   4_545 ? ? ? ? ? ? WATSON-CRICK ?     ? ? 
hydrog10 hydrog ? ? A DC 7 O2 ? ? ? 1_555 A DG  6 N2 ? ? A DC 7   A DG  6   4_545 ? ? ? ? ? ? WATSON-CRICK ?     ? ? 
hydrog11 hydrog ? ? A DT 8 N3 ? ? ? 1_555 A DA  5 N1 ? ? A DT 8   A DA  5   4_545 ? ? ? ? ? ? WATSON-CRICK ?     ? ? 
hydrog12 hydrog ? ? A DT 8 O4 ? ? ? 1_555 A DA  5 N6 ? ? A DT 8   A DA  5   4_545 ? ? ? ? ? ? WATSON-CRICK ?     ? ? 
hydrog13 hydrog ? ? A DT 9 N3 ? ? ? 1_555 A DA  4 N1 ? ? A DT 9   A DA  4   4_545 ? ? ? ? ? ? WATSON-CRICK ?     ? ? 
hydrog14 hydrog ? ? A DT 9 O4 ? ? ? 1_555 A DA  4 N6 ? ? A DT 9   A DA  4   4_545 ? ? ? ? ? ? WATSON-CRICK ?     ? ? 
# 
loop_
_struct_conn_type.id 
_struct_conn_type.criteria 
_struct_conn_type.reference 
metalc ? ? 
hydrog ? ? 
# 
_struct_site.id                   AC1 
_struct_site.pdbx_evidence_code   Software 
_struct_site.pdbx_auth_asym_id    A 
_struct_site.pdbx_auth_comp_id    MG 
_struct_site.pdbx_auth_seq_id     101 
_struct_site.pdbx_auth_ins_code   ? 
_struct_site.pdbx_num_residues    3 
_struct_site.details              'BINDING SITE FOR RESIDUE MG A 101' 
# 
loop_
_struct_site_gen.id 
_struct_site_gen.site_id 
_struct_site_gen.pdbx_num_res 
_struct_site_gen.label_comp_id 
_struct_site_gen.label_asym_id 
_struct_site_gen.label_seq_id 
_struct_site_gen.pdbx_auth_ins_code 
_struct_site_gen.auth_comp_id 
_struct_site_gen.auth_asym_id 
_struct_site_gen.auth_seq_id 
_struct_site_gen.label_atom_id 
_struct_site_gen.label_alt_id 
_struct_site_gen.symmetry 
_struct_site_gen.details 
1 AC1 3 HOH C . ? HOH A 202 . ? 1_555 ? 
2 AC1 3 HOH C . ? HOH A 203 . ? 1_555 ? 
3 AC1 3 HOH C . ? HOH A 204 . ? 1_555 ? 
# 
_atom_sites.entry_id                    4RO7 
_atom_sites.fract_transf_matrix[1][1]   0.00828965 
_atom_sites.fract_transf_matrix[1][2]   -0.00655569 
_atom_sites.fract_transf_matrix[1][3]   0.02661871 
_atom_sites.fract_transf_matrix[2][1]   -0.00395320 
_atom_sites.fract_transf_matrix[2][2]   -0.02650343 
_atom_sites.fract_transf_matrix[2][3]   0.01011174 
_atom_sites.fract_transf_matrix[3][1]   0.01637264 
_atom_sites.fract_transf_matrix[3][2]   -0.00484245 
_atom_sites.fract_transf_matrix[3][3]   -0.00629140 
_atom_sites.fract_transf_vector[1]      0.062124 
_atom_sites.fract_transf_vector[2]      -0.422852 
_atom_sites.fract_transf_vector[3]      -0.213844 
# 
loop_
_atom_type.symbol 
C  
MG 
N  
O  
P  
# 
loop_
_atom_site.group_PDB 
_atom_site.id 
_atom_site.type_symbol 
_atom_site.label_atom_id 
_atom_site.label_alt_id 
_atom_site.label_comp_id 
_atom_site.label_asym_id 
_atom_site.label_entity_id 
_atom_site.label_seq_id 
_atom_site.pdbx_PDB_ins_code 
_atom_site.Cartn_x 
_atom_site.Cartn_y 
_atom_site.Cartn_z 
_atom_site.occupancy 
_atom_site.B_iso_or_equiv 
_atom_site.pdbx_formal_charge 
_atom_site.auth_seq_id 
_atom_site.auth_comp_id 
_atom_site.auth_asym_id 
_atom_site.auth_atom_id 
_atom_site.pdbx_PDB_model_num 
ATOM   1   O  "O5'" . DG  A 1 1  ? 13.478  -2.386  -19.455 1.00 94.52  ? 1   DG  A "O5'" 1 
ATOM   2   C  "C5'" . DG  A 1 1  ? 13.885  -1.179  -18.767 1.00 90.10  ? 1   DG  A "C5'" 1 
ATOM   3   C  "C4'" . DG  A 1 1  ? 12.675  -0.357  -18.387 1.00 86.14  ? 1   DG  A "C4'" 1 
ATOM   4   O  "O4'" . DG  A 1 1  ? 11.611  -1.229  -17.930 1.00 83.64  ? 1   DG  A "O4'" 1 
ATOM   5   C  "C3'" . DG  A 1 1  ? 12.906  0.602   -17.229 1.00 82.83  ? 1   DG  A "C3'" 1 
ATOM   6   O  "O3'" . DG  A 1 1  ? 11.926  1.645   -17.301 1.00 82.04  ? 1   DG  A "O3'" 1 
ATOM   7   C  "C2'" . DG  A 1 1  ? 12.661  -0.301  -16.039 1.00 79.42  ? 1   DG  A "C2'" 1 
ATOM   8   C  "C1'" . DG  A 1 1  ? 11.450  -1.089  -16.522 1.00 77.16  ? 1   DG  A "C1'" 1 
ATOM   9   N  N9    . DG  A 1 1  ? 11.279  -2.422  -15.948 1.00 73.52  ? 1   DG  A N9    1 
ATOM   10  C  C8    . DG  A 1 1  ? 10.179  -2.874  -15.260 1.00 72.16  ? 1   DG  A C8    1 
ATOM   11  N  N7    . DG  A 1 1  ? 10.298  -4.112  -14.860 1.00 72.07  ? 1   DG  A N7    1 
ATOM   12  C  C5    . DG  A 1 1  ? 11.548  -4.505  -15.318 1.00 72.31  ? 1   DG  A C5    1 
ATOM   13  C  C6    . DG  A 1 1  ? 12.234  -5.745  -15.183 1.00 72.62  ? 1   DG  A C6    1 
ATOM   14  O  O6    . DG  A 1 1  ? 11.857  -6.778  -14.614 1.00 72.44  ? 1   DG  A O6    1 
ATOM   15  N  N1    . DG  A 1 1  ? 13.479  -5.709  -15.797 1.00 73.55  ? 1   DG  A N1    1 
ATOM   16  C  C2    . DG  A 1 1  ? 14.009  -4.620  -16.439 1.00 76.19  ? 1   DG  A C2    1 
ATOM   17  N  N2    . DG  A 1 1  ? 15.229  -4.783  -16.966 1.00 80.44  ? 1   DG  A N2    1 
ATOM   18  N  N3    . DG  A 1 1  ? 13.388  -3.459  -16.567 1.00 75.55  ? 1   DG  A N3    1 
ATOM   19  C  C4    . DG  A 1 1  ? 12.168  -3.473  -15.991 1.00 73.04  ? 1   DG  A C4    1 
ATOM   20  P  P     . DG  A 1 2  ? 11.994  2.914   -16.301 1.00 82.64  ? 2   DG  A P     1 
ATOM   21  O  OP1   . DG  A 1 2  ? 11.037  3.944   -16.796 1.00 86.74  ? 2   DG  A OP1   1 
ATOM   22  O  OP2   . DG  A 1 2  ? 13.415  3.251   -16.044 1.00 82.73  ? 2   DG  A OP2   1 
ATOM   23  O  "O5'" . DG  A 1 2  ? 11.422  2.353   -14.925 1.00 77.80  ? 2   DG  A "O5'" 1 
ATOM   24  C  "C5'" . DG  A 1 2  ? 10.026  2.051   -14.766 1.00 71.99  ? 2   DG  A "C5'" 1 
ATOM   25  C  "C4'" . DG  A 1 2  ? 9.819   1.410   -13.418 1.00 66.31  ? 2   DG  A "C4'" 1 
ATOM   26  O  "O4'" . DG  A 1 2  ? 10.415  0.095   -13.414 1.00 62.98  ? 2   DG  A "O4'" 1 
ATOM   27  C  "C3'" . DG  A 1 2  ? 10.473  2.172   -12.266 1.00 64.77  ? 2   DG  A "C3'" 1 
ATOM   28  O  "O3'" . DG  A 1 2  ? 9.582   2.186   -11.150 1.00 64.10  ? 2   DG  A "O3'" 1 
ATOM   29  C  "C2'" . DG  A 1 2  ? 11.693  1.341   -11.939 1.00 63.45  ? 2   DG  A "C2'" 1 
ATOM   30  C  "C1'" . DG  A 1 2  ? 11.173  -0.042  -12.234 1.00 61.09  ? 2   DG  A "C1'" 1 
ATOM   31  N  N9    . DG  A 1 2  ? 12.187  -1.060  -12.471 1.00 62.29  ? 2   DG  A N9    1 
ATOM   32  C  C8    . DG  A 1 2  ? 13.446  -0.902  -13.008 1.00 63.76  ? 2   DG  A C8    1 
ATOM   33  N  N7    . DG  A 1 2  ? 14.120  -2.020  -13.067 1.00 64.71  ? 2   DG  A N7    1 
ATOM   34  C  C5    . DG  A 1 2  ? 13.258  -2.969  -12.528 1.00 62.72  ? 2   DG  A C5    1 
ATOM   35  C  C6    . DG  A 1 2  ? 13.431  -4.364  -12.338 1.00 64.13  ? 2   DG  A C6    1 
ATOM   36  O  O6    . DG  A 1 2  ? 14.410  -5.064  -12.615 1.00 71.17  ? 2   DG  A O6    1 
ATOM   37  N  N1    . DG  A 1 2  ? 12.305  -4.946  -11.764 1.00 61.95  ? 2   DG  A N1    1 
ATOM   38  C  C2    . DG  A 1 2  ? 11.168  -4.267  -11.394 1.00 58.97  ? 2   DG  A C2    1 
ATOM   39  N  N2    . DG  A 1 2  ? 10.194  -5.005  -10.847 1.00 58.20  ? 2   DG  A N2    1 
ATOM   40  N  N3    . DG  A 1 2  ? 10.993  -2.967  -11.567 1.00 57.16  ? 2   DG  A N3    1 
ATOM   41  C  C4    . DG  A 1 2  ? 12.064  -2.389  -12.151 1.00 59.73  ? 2   DG  A C4    1 
ATOM   42  P  P     . DA  A 1 3  ? 9.128   3.569   -10.512 1.00 66.58  ? 3   DA  A P     1 
ATOM   43  O  OP1   . DA  A 1 3  ? 8.946   4.550   -11.596 1.00 70.23  ? 3   DA  A OP1   1 
ATOM   44  O  OP2   . DA  A 1 3  ? 10.029  3.890   -9.369  1.00 68.89  ? 3   DA  A OP2   1 
ATOM   45  O  "O5'" . DA  A 1 3  ? 7.702   3.223   -9.912  1.00 67.34  ? 3   DA  A "O5'" 1 
ATOM   46  C  "C5'" . DA  A 1 3  ? 6.768   2.359   -10.579 1.00 67.64  ? 3   DA  A "C5'" 1 
ATOM   47  C  "C4'" . DA  A 1 3  ? 5.597   2.105   -9.658  1.00 65.00  ? 3   DA  A "C4'" 1 
ATOM   48  O  "O4'" . DA  A 1 3  ? 5.785   0.848   -8.965  1.00 61.69  ? 3   DA  A "O4'" 1 
ATOM   49  C  "C3'" . DA  A 1 3  ? 5.426   3.133   -8.550  1.00 66.60  ? 3   DA  A "C3'" 1 
ATOM   50  O  "O3'" . DA  A 1 3  ? 4.061   3.133   -8.068  1.00 73.31  ? 3   DA  A "O3'" 1 
ATOM   51  C  "C2'" . DA  A 1 3  ? 6.352   2.577   -7.479  1.00 64.03  ? 3   DA  A "C2'" 1 
ATOM   52  C  "C1'" . DA  A 1 3  ? 6.153   1.072   -7.611  1.00 60.26  ? 3   DA  A "C1'" 1 
ATOM   53  N  N9    . DA  A 1 3  ? 7.304   0.214   -7.339  1.00 60.25  ? 3   DA  A N9    1 
ATOM   54  C  C8    . DA  A 1 3  ? 8.504   0.215   -8.008  1.00 62.53  ? 3   DA  A C8    1 
ATOM   55  N  N7    . DA  A 1 3  ? 9.338   -0.712  -7.602  1.00 61.42  ? 3   DA  A N7    1 
ATOM   56  C  C5    . DA  A 1 3  ? 8.626   -1.397  -6.629  1.00 59.82  ? 3   DA  A C5    1 
ATOM   57  C  C6    . DA  A 1 3  ? 8.938   -2.520  -5.845  1.00 59.06  ? 3   DA  A C6    1 
ATOM   58  N  N6    . DA  A 1 3  ? 10.106  -3.161  -5.908  1.00 61.21  ? 3   DA  A N6    1 
ATOM   59  N  N1    . DA  A 1 3  ? 8.014   -2.942  -4.952  1.00 59.38  ? 3   DA  A N1    1 
ATOM   60  C  C2    . DA  A 1 3  ? 6.836   -2.307  -4.901  1.00 59.52  ? 3   DA  A C2    1 
ATOM   61  N  N3    . DA  A 1 3  ? 6.416   -1.251  -5.601  1.00 60.14  ? 3   DA  A N3    1 
ATOM   62  C  C4    . DA  A 1 3  ? 7.368   -0.843  -6.461  1.00 60.64  ? 3   DA  A C4    1 
ATOM   63  P  P     . DA  A 1 4  ? 2.920   4.214   -8.562  1.00 75.49  ? 4   DA  A P     1 
ATOM   64  O  OP1   . DA  A 1 4  ? 1.623   3.709   -8.042  1.00 80.37  ? 4   DA  A OP1   1 
ATOM   65  O  OP2   . DA  A 1 4  ? 3.068   4.465   -10.016 1.00 76.38  ? 4   DA  A OP2   1 
ATOM   66  O  "O5'" . DA  A 1 4  ? 3.282   5.544   -7.747  1.00 77.15  ? 4   DA  A "O5'" 1 
ATOM   67  C  "C5'" . DA  A 1 4  ? 4.093   6.580   -8.346  1.00 80.70  ? 4   DA  A "C5'" 1 
ATOM   68  C  "C4'" . DA  A 1 4  ? 3.879   7.907   -7.658  1.00 84.58  ? 4   DA  A "C4'" 1 
ATOM   69  O  "O4'" . DA  A 1 4  ? 2.605   8.457   -8.069  1.00 87.11  ? 4   DA  A "O4'" 1 
ATOM   70  C  "C3'" . DA  A 1 4  ? 3.825   7.808   -6.138  1.00 84.64  ? 4   DA  A "C3'" 1 
ATOM   71  O  "O3'" . DA  A 1 4  ? 4.327   8.954   -5.437  1.00 95.01  ? 4   DA  A "O3'" 1 
ATOM   72  C  "C2'" . DA  A 1 4  ? 2.342   7.695   -5.867  1.00 84.17  ? 4   DA  A "C2'" 1 
ATOM   73  C  "C1'" . DA  A 1 4  ? 1.731   8.544   -6.960  1.00 86.27  ? 4   DA  A "C1'" 1 
ATOM   74  N  N9    . DA  A 1 4  ? 0.431   8.032   -7.363  1.00 83.97  ? 4   DA  A N9    1 
ATOM   75  C  C8    . DA  A 1 4  ? 0.155   6.995   -8.217  1.00 81.08  ? 4   DA  A C8    1 
ATOM   76  N  N7    . DA  A 1 4  ? -1.122  6.730   -8.330  1.00 82.76  ? 4   DA  A N7    1 
ATOM   77  C  C5    . DA  A 1 4  ? -1.728  7.648   -7.484  1.00 85.19  ? 4   DA  A C5    1 
ATOM   78  C  C6    . DA  A 1 4  ? -3.070  7.904   -7.178  1.00 90.08  ? 4   DA  A C6    1 
ATOM   79  N  N6    . DA  A 1 4  ? -4.086  7.221   -7.704  1.00 93.51  ? 4   DA  A N6    1 
ATOM   80  N  N1    . DA  A 1 4  ? -3.337  8.889   -6.293  1.00 93.03  ? 4   DA  A N1    1 
ATOM   81  C  C2    . DA  A 1 4  ? -2.315  9.584   -5.781  1.00 92.52  ? 4   DA  A C2    1 
ATOM   82  N  N3    . DA  A 1 4  ? -1.011  9.447   -6.005  1.00 88.94  ? 4   DA  A N3    1 
ATOM   83  C  C4    . DA  A 1 4  ? -0.782  8.442   -6.868  1.00 85.80  ? 4   DA  A C4    1 
ATOM   84  P  P     . DA  A 1 5  ? 4.840   8.791   -3.902  1.00 98.98  ? 5   DA  A P     1 
ATOM   85  O  OP1   . DA  A 1 5  ? 6.332   8.788   -3.945  1.00 101.12 ? 5   DA  A OP1   1 
ATOM   86  O  OP2   . DA  A 1 5  ? 4.101   7.672   -3.247  1.00 92.08  ? 5   DA  A OP2   1 
ATOM   87  O  "O5'" . DA  A 1 5  ? 4.301   10.087  -3.146  1.00 104.27 ? 5   DA  A "O5'" 1 
ATOM   88  C  "C5'" . DA  A 1 5  ? 3.082   10.744  -3.513  1.00 109.09 ? 5   DA  A "C5'" 1 
ATOM   89  C  "C4'" . DA  A 1 5  ? 2.231   11.023  -2.297  1.00 111.14 ? 5   DA  A "C4'" 1 
ATOM   90  O  "O4'" . DA  A 1 5  ? 0.930   10.425  -2.499  1.00 108.66 ? 5   DA  A "O4'" 1 
ATOM   91  C  "C3'" . DA  A 1 5  ? 2.730   10.460  -0.968  1.00 110.25 ? 5   DA  A "C3'" 1 
ATOM   92  O  "O3'" . DA  A 1 5  ? 2.285   11.378  0.057   1.00 120.28 ? 5   DA  A "O3'" 1 
ATOM   93  C  "C2'" . DA  A 1 5  ? 2.102   9.071   -0.951  1.00 103.22 ? 5   DA  A "C2'" 1 
ATOM   94  C  "C1'" . DA  A 1 5  ? 0.750   9.309   -1.631  1.00 102.52 ? 5   DA  A "C1'" 1 
ATOM   95  N  N9    . DA  A 1 5  ? 0.172   8.217   -2.425  1.00 92.56  ? 5   DA  A N9    1 
ATOM   96  C  C8    . DA  A 1 5  ? 0.815   7.198   -3.082  1.00 86.25  ? 5   DA  A C8    1 
ATOM   97  N  N7    . DA  A 1 5  ? 0.008   6.398   -3.736  1.00 83.07  ? 5   DA  A N7    1 
ATOM   98  C  C5    . DA  A 1 5  ? -1.252  6.926   -3.494  1.00 85.58  ? 5   DA  A C5    1 
ATOM   99  C  C6    . DA  A 1 5  ? -2.539  6.538   -3.915  1.00 86.32  ? 5   DA  A C6    1 
ATOM   100 N  N6    . DA  A 1 5  ? -2.774  5.480   -4.695  1.00 83.71  ? 5   DA  A N6    1 
ATOM   101 N  N1    . DA  A 1 5  ? -3.590  7.270   -3.483  1.00 91.74  ? 5   DA  A N1    1 
ATOM   102 C  C2    . DA  A 1 5  ? -3.351  8.338   -2.709  1.00 96.26  ? 5   DA  A C2    1 
ATOM   103 N  N3    . DA  A 1 5  ? -2.188  8.810   -2.260  1.00 96.44  ? 5   DA  A N3    1 
ATOM   104 C  C4    . DA  A 1 5  ? -1.166  8.049   -2.692  1.00 90.68  ? 5   DA  A C4    1 
ATOM   105 P  P     . DG  A 1 6  ? 2.631   11.158  1.638   1.00 121.94 ? 6   DG  A P     1 
ATOM   106 O  OP1   . DG  A 1 6  ? 2.911   12.502  2.237   1.00 126.68 ? 6   DG  A OP1   1 
ATOM   107 O  OP2   . DG  A 1 6  ? 3.637   10.063  1.745   1.00 115.32 ? 6   DG  A OP2   1 
ATOM   108 O  "O5'" . DG  A 1 6  ? 1.261   10.608  2.245   1.00 112.97 ? 6   DG  A "O5'" 1 
ATOM   109 C  "C5'" . DG  A 1 6  ? 0.046   11.381  2.186   1.00 117.14 ? 6   DG  A "C5'" 1 
ATOM   110 C  "C4'" . DG  A 1 6  ? -1.123  10.495  2.537   1.00 113.85 ? 6   DG  A "C4'" 1 
ATOM   111 O  "O4'" . DG  A 1 6  ? -1.312  9.511   1.490   1.00 106.57 ? 6   DG  A "O4'" 1 
ATOM   112 C  "C3'" . DG  A 1 6  ? -0.931  9.684   3.822   1.00 112.85 ? 6   DG  A "C3'" 1 
ATOM   113 O  "O3'" . DG  A 1 6  ? -2.168  9.571   4.523   1.00 118.94 ? 6   DG  A "O3'" 1 
ATOM   114 C  "C2'" . DG  A 1 6  ? -0.559  8.304   3.312   1.00 102.15 ? 6   DG  A "C2'" 1 
ATOM   115 C  "C1'" . DG  A 1 6  ? -1.473  8.251   2.111   1.00 99.12  ? 6   DG  A "C1'" 1 
ATOM   116 N  N9    . DG  A 1 6  ? -1.207  7.212   1.126   1.00 89.13  ? 6   DG  A N9    1 
ATOM   117 C  C8    . DG  A 1 6  ? 0.008   6.714   0.722   1.00 84.78  ? 6   DG  A C8    1 
ATOM   118 N  N7    . DG  A 1 6  ? -0.100  5.750   -0.151  1.00 80.22  ? 6   DG  A N7    1 
ATOM   119 C  C5    . DG  A 1 6  ? -1.469  5.602   -0.333  1.00 80.86  ? 6   DG  A C5    1 
ATOM   120 C  C6    . DG  A 1 6  ? -2.200  4.717   -1.176  1.00 77.76  ? 6   DG  A C6    1 
ATOM   121 O  O6    . DG  A 1 6  ? -1.762  3.863   -1.962  1.00 77.15  ? 6   DG  A O6    1 
ATOM   122 N  N1    . DG  A 1 6  ? -3.574  4.910   -1.053  1.00 76.78  ? 6   DG  A N1    1 
ATOM   123 C  C2    . DG  A 1 6  ? -4.169  5.834   -0.226  1.00 82.93  ? 6   DG  A C2    1 
ATOM   124 N  N2    . DG  A 1 6  ? -5.509  5.865   -0.238  1.00 86.25  ? 6   DG  A N2    1 
ATOM   125 N  N3    . DG  A 1 6  ? -3.501  6.663   0.559   1.00 86.54  ? 6   DG  A N3    1 
ATOM   126 C  C4    . DG  A 1 6  ? -2.165  6.495   0.454   1.00 85.27  ? 6   DG  A C4    1 
ATOM   127 P  P     . DC  A 1 7  ? -2.178  9.655   6.105   1.00 126.49 ? 7   DC  A P     1 
ATOM   128 O  OP1   . DC  A 1 7  ? -1.855  11.064  6.482   1.00 132.18 ? 7   DC  A OP1   1 
ATOM   129 O  OP2   . DC  A 1 7  ? -1.349  8.531   6.628   1.00 118.41 ? 7   DC  A OP2   1 
ATOM   130 O  "O5'" . DC  A 1 7  ? -3.690  9.321   6.486   1.00 127.77 ? 7   DC  A "O5'" 1 
ATOM   131 C  "C5'" . DC  A 1 7  ? -4.807  9.621   5.614   1.00 129.61 ? 7   DC  A "C5'" 1 
ATOM   132 C  "C4'" . DC  A 1 7  ? -5.595  8.361   5.335   1.00 122.07 ? 7   DC  A "C4'" 1 
ATOM   133 O  "O4'" . DC  A 1 7  ? -4.880  7.555   4.370   1.00 111.66 ? 7   DC  A "O4'" 1 
ATOM   134 C  "C3'" . DC  A 1 7  ? -5.822  7.463   6.559   1.00 118.90 ? 7   DC  A "C3'" 1 
ATOM   135 O  "O3'" . DC  A 1 7  ? -7.211  7.432   6.930   1.00 125.35 ? 7   DC  A "O3'" 1 
ATOM   136 C  "C2'" . DC  A 1 7  ? -5.211  6.123   6.166   1.00 108.49 ? 7   DC  A "C2'" 1 
ATOM   137 C  "C1'" . DC  A 1 7  ? -5.117  6.194   4.655   1.00 103.03 ? 7   DC  A "C1'" 1 
ATOM   138 N  N1    . DC  A 1 7  ? -4.036  5.409   4.034   1.00 92.60  ? 7   DC  A N1    1 
ATOM   139 C  C2    . DC  A 1 7  ? -4.368  4.432   3.088   1.00 87.31  ? 7   DC  A C2    1 
ATOM   140 O  O2    . DC  A 1 7  ? -5.563  4.235   2.827   1.00 92.23  ? 7   DC  A O2    1 
ATOM   141 N  N3    . DC  A 1 7  ? -3.381  3.732   2.484   1.00 78.61  ? 7   DC  A N3    1 
ATOM   142 C  C4    . DC  A 1 7  ? -2.105  3.980   2.789   1.00 78.71  ? 7   DC  A C4    1 
ATOM   143 N  N4    . DC  A 1 7  ? -1.163  3.265   2.169   1.00 75.11  ? 7   DC  A N4    1 
ATOM   144 C  C5    . DC  A 1 7  ? -1.738  4.971   3.745   1.00 83.37  ? 7   DC  A C5    1 
ATOM   145 C  C6    . DC  A 1 7  ? -2.726  5.660   4.332   1.00 90.17  ? 7   DC  A C6    1 
ATOM   146 P  P     . DT  A 1 8  ? -7.718  6.409   8.065   1.00 127.49 ? 8   DT  A P     1 
ATOM   147 O  OP1   . DT  A 1 8  ? -9.010  6.899   8.627   1.00 128.50 ? 8   DT  A OP1   1 
ATOM   148 O  OP2   . DT  A 1 8  ? -6.572  6.114   8.977   1.00 120.37 ? 8   DT  A OP2   1 
ATOM   149 O  "O5'" . DT  A 1 8  ? -8.071  5.116   7.208   1.00 123.03 ? 8   DT  A "O5'" 1 
ATOM   150 C  "C5'" . DT  A 1 8  ? -8.700  5.219   5.911   1.00 120.06 ? 8   DT  A "C5'" 1 
ATOM   151 C  "C4'" . DT  A 1 8  ? -9.280  3.879   5.527   1.00 113.27 ? 8   DT  A "C4'" 1 
ATOM   152 O  "O4'" . DT  A 1 8  ? -8.267  3.101   4.854   1.00 105.28 ? 8   DT  A "O4'" 1 
ATOM   153 C  "C3'" . DT  A 1 8  ? -9.725  3.035   6.719   1.00 110.88 ? 8   DT  A "C3'" 1 
ATOM   154 O  "O3'" . DT  A 1 8  ? -10.923 2.303   6.437   1.00 115.55 ? 8   DT  A "O3'" 1 
ATOM   155 C  "C2'" . DT  A 1 8  ? -8.505  2.180   7.017   1.00 101.80 ? 8   DT  A "C2'" 1 
ATOM   156 C  "C1'" . DT  A 1 8  ? -7.855  1.997   5.652   1.00 97.09  ? 8   DT  A "C1'" 1 
ATOM   157 N  N1    . DT  A 1 8  ? -6.368  1.940   5.631   1.00 88.20  ? 8   DT  A N1    1 
ATOM   158 C  C2    . DT  A 1 8  ? -5.775  1.149   4.674   1.00 81.66  ? 8   DT  A C2    1 
ATOM   159 O  O2    . DT  A 1 8  ? -6.411  0.504   3.856   1.00 81.68  ? 8   DT  A O2    1 
ATOM   160 N  N3    . DT  A 1 8  ? -4.401  1.139   4.711   1.00 77.44  ? 8   DT  A N3    1 
ATOM   161 C  C4    . DT  A 1 8  ? -3.582  1.828   5.589   1.00 79.27  ? 8   DT  A C4    1 
ATOM   162 O  O4    . DT  A 1 8  ? -2.359  1.721   5.502   1.00 78.76  ? 8   DT  A O4    1 
ATOM   163 C  C5    . DT  A 1 8  ? -4.271  2.639   6.562   1.00 83.87  ? 8   DT  A C5    1 
ATOM   164 C  C7    . DT  A 1 8  ? -3.467  3.418   7.554   1.00 87.84  ? 8   DT  A C7    1 
ATOM   165 C  C6    . DT  A 1 8  ? -5.610  2.648   6.542   1.00 88.34  ? 8   DT  A C6    1 
ATOM   166 P  P     . DT  A 1 9  ? -11.508 1.288   7.544   1.00 117.66 ? 9   DT  A P     1 
ATOM   167 O  OP1   . DT  A 1 9  ? -12.974 1.502   7.688   1.00 119.12 ? 9   DT  A OP1   1 
ATOM   168 O  OP2   . DT  A 1 9  ? -10.650 1.384   8.757   1.00 115.27 ? 9   DT  A OP2   1 
ATOM   169 O  "O5'" . DT  A 1 9  ? -11.274 -0.136  6.865   1.00 109.76 ? 9   DT  A "O5'" 1 
ATOM   170 C  "C5'" . DT  A 1 9  ? -11.088 -0.316  5.440   1.00 103.48 ? 9   DT  A "C5'" 1 
ATOM   171 C  "C4'" . DT  A 1 9  ? -10.432 -1.656  5.186   1.00 96.06  ? 9   DT  A "C4'" 1 
ATOM   172 O  "O4'" . DT  A 1 9  ? -9.003  -1.470  5.087   1.00 89.40  ? 9   DT  A "O4'" 1 
ATOM   173 C  "C3'" . DT  A 1 9  ? -10.663 -2.709  6.280   1.00 92.95  ? 9   DT  A "C3'" 1 
ATOM   174 O  "O3'" . DT  A 1 9  ? -11.607 -3.694  5.824   1.00 96.54  ? 9   DT  A "O3'" 1 
ATOM   175 C  "C2'" . DT  A 1 9  ? -9.284  -3.290  6.567   1.00 86.12  ? 9   DT  A "C2'" 1 
ATOM   176 C  "C1'" . DT  A 1 9  ? -8.315  -2.591  5.617   1.00 82.49  ? 9   DT  A "C1'" 1 
ATOM   177 N  N1    . DT  A 1 9  ? -7.076  -2.094  6.249   1.00 74.23  ? 9   DT  A N1    1 
ATOM   178 C  C2    . DT  A 1 9  ? -5.867  -2.421  5.678   1.00 70.02  ? 9   DT  A C2    1 
ATOM   179 O  O2    . DT  A 1 9  ? -5.764  -3.138  4.693   1.00 67.71  ? 9   DT  A O2    1 
ATOM   180 N  N3    . DT  A 1 9  ? -4.772  -1.892  6.318   1.00 68.38  ? 9   DT  A N3    1 
ATOM   181 C  C4    . DT  A 1 9  ? -4.769  -1.077  7.435   1.00 71.15  ? 9   DT  A C4    1 
ATOM   182 O  O4    . DT  A 1 9  ? -3.703  -0.691  7.909   1.00 73.41  ? 9   DT  A O4    1 
ATOM   183 C  C5    . DT  A 1 9  ? -6.072  -0.772  7.977   1.00 73.19  ? 9   DT  A C5    1 
ATOM   184 C  C7    . DT  A 1 9  ? -6.167  0.096   9.191   1.00 76.04  ? 9   DT  A C7    1 
ATOM   185 C  C6    . DT  A 1 9  ? -7.146  -1.282  7.361   1.00 75.26  ? 9   DT  A C6    1 
ATOM   186 P  P     . DG  A 1 10 ? -12.320 -4.716  6.851   1.00 98.73  ? 10  DG  A P     1 
ATOM   187 O  OP1   . DG  A 1 10 ? -13.638 -5.100  6.297   1.00 105.74 ? 10  DG  A OP1   1 
ATOM   188 O  OP2   . DG  A 1 10 ? -12.204 -4.183  8.238   1.00 99.93  ? 10  DG  A OP2   1 
ATOM   189 O  "O5'" . DG  A 1 10 ? -11.447 -6.039  6.729   1.00 96.07  ? 10  DG  A "O5'" 1 
ATOM   190 C  "C5'" . DG  A 1 10 ? -11.203 -6.662  5.459   1.00 92.55  ? 10  DG  A "C5'" 1 
ATOM   191 C  "C4'" . DG  A 1 10 ? -10.055 -7.632  5.599   1.00 87.30  ? 10  DG  A "C4'" 1 
ATOM   192 O  "O4'" . DG  A 1 10 ? -8.856  -6.911  5.982   1.00 82.32  ? 10  DG  A "O4'" 1 
ATOM   193 C  "C3'" . DG  A 1 10 ? -10.246 -8.695  6.681   1.00 86.29  ? 10  DG  A "C3'" 1 
ATOM   194 O  "O3'" . DG  A 1 10 ? -9.488  -9.841  6.268   1.00 86.56  ? 10  DG  A "O3'" 1 
ATOM   195 C  "C2'" . DG  A 1 10 ? -9.637  -8.022  7.897   1.00 81.61  ? 10  DG  A "C2'" 1 
ATOM   196 C  "C1'" . DG  A 1 10 ? -8.422  -7.381  7.254   1.00 76.00  ? 10  DG  A "C1'" 1 
ATOM   197 N  N9    . DG  A 1 10 ? -7.776  -6.275  7.951   1.00 69.73  ? 10  DG  A N9    1 
ATOM   198 C  C8    . DG  A 1 10 ? -8.289  -5.407  8.889   1.00 70.55  ? 10  DG  A C8    1 
ATOM   199 N  N7    . DG  A 1 10 ? -7.415  -4.530  9.304   1.00 69.53  ? 10  DG  A N7    1 
ATOM   200 C  C5    . DG  A 1 10 ? -6.254  -4.847  8.607   1.00 65.92  ? 10  DG  A C5    1 
ATOM   201 C  C6    . DG  A 1 10 ? -4.960  -4.250  8.638   1.00 63.21  ? 10  DG  A C6    1 
ATOM   202 O  O6    . DG  A 1 10 ? -4.563  -3.297  9.320   1.00 67.00  ? 10  DG  A O6    1 
ATOM   203 N  N1    . DG  A 1 10 ? -4.086  -4.886  7.765   1.00 58.64  ? 10  DG  A N1    1 
ATOM   204 C  C2    . DG  A 1 10 ? -4.406  -5.956  6.963   1.00 58.91  ? 10  DG  A C2    1 
ATOM   205 N  N2    . DG  A 1 10 ? -3.424  -6.434  6.195   1.00 58.90  ? 10  DG  A N2    1 
ATOM   206 N  N3    . DG  A 1 10 ? -5.600  -6.516  6.922   1.00 61.48  ? 10  DG  A N3    1 
ATOM   207 C  C4    . DG  A 1 10 ? -6.468  -5.917  7.764   1.00 64.91  ? 10  DG  A C4    1 
ATOM   208 P  P     . DG  A 1 11 ? -9.636  -11.277 7.001   1.00 90.85  ? 11  DG  A P     1 
ATOM   209 O  OP1   . DG  A 1 11 ? -9.812  -12.312 5.950   1.00 96.87  ? 11  DG  A OP1   1 
ATOM   210 O  OP2   . DG  A 1 11 ? -10.632 -11.171 8.113   1.00 89.97  ? 11  DG  A OP2   1 
ATOM   211 O  "O5'" . DG  A 1 11 ? -8.173  -11.516 7.586   1.00 81.69  ? 11  DG  A "O5'" 1 
ATOM   212 C  "C5'" . DG  A 1 11 ? -6.977  -11.107 6.889   1.00 74.42  ? 11  DG  A "C5'" 1 
ATOM   213 C  "C4'" . DG  A 1 11 ? -5.818  -11.067 7.859   1.00 69.34  ? 11  DG  A "C4'" 1 
ATOM   214 O  "O4'" . DG  A 1 11 ? -5.931  -9.891  8.692   1.00 66.61  ? 11  DG  A "O4'" 1 
ATOM   215 C  "C3'" . DG  A 1 11 ? -5.772  -12.243 8.832   1.00 70.23  ? 11  DG  A "C3'" 1 
ATOM   216 O  "O3'" . DG  A 1 11 ? -4.428  -12.497 9.243   1.00 69.38  ? 11  DG  A "O3'" 1 
ATOM   217 C  "C2'" . DG  A 1 11 ? -6.568  -11.729 10.014  1.00 69.03  ? 11  DG  A "C2'" 1 
ATOM   218 C  "C1'" . DG  A 1 11 ? -6.151  -10.274 10.042  1.00 64.48  ? 11  DG  A "C1'" 1 
ATOM   219 N  N9    . DG  A 1 11 ? -7.114  -9.348  10.623  1.00 62.95  ? 11  DG  A N9    1 
ATOM   220 C  C8    . DG  A 1 11 ? -8.454  -9.548  10.863  1.00 65.56  ? 11  DG  A C8    1 
ATOM   221 N  N7    . DG  A 1 11 ? -9.035  -8.517  11.419  1.00 66.50  ? 11  DG  A N7    1 
ATOM   222 C  C5    . DG  A 1 11 ? -8.016  -7.583  11.556  1.00 64.90  ? 11  DG  A C5    1 
ATOM   223 C  C6    . DG  A 1 11 ? -8.032  -6.277  12.115  1.00 66.96  ? 11  DG  A C6    1 
ATOM   224 O  O6    . DG  A 1 11 ? -8.988  -5.654  12.596  1.00 72.76  ? 11  DG  A O6    1 
ATOM   225 N  N1    . DG  A 1 11 ? -6.772  -5.688  12.075  1.00 64.17  ? 11  DG  A N1    1 
ATOM   226 C  C2    . DG  A 1 11 ? -5.640  -6.278  11.570  1.00 61.95  ? 11  DG  A C2    1 
ATOM   227 N  N2    . DG  A 1 11 ? -4.517  -5.551  11.625  1.00 62.19  ? 11  DG  A N2    1 
ATOM   228 N  N3    . DG  A 1 11 ? -5.609  -7.494  11.052  1.00 61.13  ? 11  DG  A N3    1 
ATOM   229 C  C4    . DG  A 1 11 ? -6.823  -8.086  11.081  1.00 62.70  ? 11  DG  A C4    1 
ATOM   230 P  P     . DA  A 1 12 ? -3.899  -13.972 9.392   1.00 73.11  ? 12  DA  A P     1 
ATOM   231 O  OP1   . DA  A 1 12 ? -4.461  -14.777 8.280   1.00 77.84  ? 12  DA  A OP1   1 
ATOM   232 O  OP2   . DA  A 1 12 ? -4.083  -14.437 10.800  1.00 73.71  ? 12  DA  A OP2   1 
ATOM   233 O  "O5'" . DA  A 1 12 ? -2.357  -13.763 9.080   1.00 73.79  ? 12  DA  A "O5'" 1 
ATOM   234 C  "C5'" . DA  A 1 12 ? -1.950  -13.165 7.840   1.00 71.15  ? 12  DA  A "C5'" 1 
ATOM   235 C  "C4'" . DA  A 1 12 ? -0.613  -12.494 8.005   1.00 67.83  ? 12  DA  A "C4'" 1 
ATOM   236 O  "O4'" . DA  A 1 12 ? -0.775  -11.276 8.767   1.00 65.20  ? 12  DA  A "O4'" 1 
ATOM   237 C  "C3'" . DA  A 1 12 ? 0.410   -13.329 8.762   1.00 73.22  ? 12  DA  A "C3'" 1 
ATOM   238 O  "O3'" . DA  A 1 12 ? 1.692   -13.068 8.173   1.00 85.45  ? 12  DA  A "O3'" 1 
ATOM   239 C  "C2'" . DA  A 1 12 ? 0.319   -12.790 10.179  1.00 70.93  ? 12  DA  A "C2'" 1 
ATOM   240 C  "C1'" . DA  A 1 12 ? 0.053   -11.321 9.926   1.00 64.35  ? 12  DA  A "C1'" 1 
ATOM   241 N  N9    . DA  A 1 12 ? -0.629  -10.582 10.991  1.00 60.54  ? 12  DA  A N9    1 
ATOM   242 C  C8    . DA  A 1 12 ? -1.982  -10.481 11.207  1.00 58.59  ? 12  DA  A C8    1 
ATOM   243 N  N7    . DA  A 1 12 ? -2.299  -9.694  12.208  1.00 58.57  ? 12  DA  A N7    1 
ATOM   244 C  C5    . DA  A 1 12 ? -1.075  -9.242  12.679  1.00 58.89  ? 12  DA  A C5    1 
ATOM   245 C  C6    . DA  A 1 12 ? -0.730  -8.362  13.716  1.00 60.48  ? 12  DA  A C6    1 
ATOM   246 N  N6    . DA  A 1 12 ? -1.623  -7.781  14.519  1.00 62.79  ? 12  DA  A N6    1 
ATOM   247 N  N1    . DA  A 1 12 ? 0.585   -8.138  13.941  1.00 61.78  ? 12  DA  A N1    1 
ATOM   248 C  C2    . DA  A 1 12 ? 1.479   -8.725  13.138  1.00 62.65  ? 12  DA  A C2    1 
ATOM   249 N  N3    . DA  A 1 12 ? 1.274   -9.533  12.095  1.00 60.72  ? 12  DA  A N3    1 
ATOM   250 C  C4    . DA  A 1 12 ? -0.039  -9.766  11.928  1.00 59.32  ? 12  DA  A C4    1 
ATOM   251 P  P     . DG  A 1 13 ? 2.619   -14.266 7.635   1.00 92.55  ? 13  DG  A P     1 
ATOM   252 O  OP1   . DG  A 1 13 ? 3.844   -13.631 7.064   1.00 93.04  ? 13  DG  A OP1   1 
ATOM   253 O  OP2   . DG  A 1 13 ? 1.781   -15.160 6.778   1.00 94.58  ? 13  DG  A OP2   1 
ATOM   254 O  "O5'" . DG  A 1 13 ? 2.929   -15.102 8.959   1.00 94.08  ? 13  DG  A "O5'" 1 
HETATM 255 MG MG    . MG  B 2 .  ? 12.867  7.080   -11.402 1.00 91.10  ? 101 MG  A MG    1 
HETATM 256 O  O     . HOH C 3 .  ? -4.996  -2.399  11.789  1.00 62.37  ? 201 HOH A O     1 
HETATM 257 O  O     . HOH C 3 .  ? 11.468  6.243   -12.043 1.00 77.19  ? 202 HOH A O     1 
HETATM 258 O  O     . HOH C 3 .  ? 13.893  8.258   -9.998  1.00 92.17  ? 203 HOH A O     1 
HETATM 259 O  O     . HOH C 3 .  ? 11.873  6.631   -9.277  1.00 72.33  ? 204 HOH A O     1 
HETATM 260 O  O     . HOH C 3 .  ? 11.995  2.621   -8.326  1.00 61.08  ? 205 HOH A O     1 
HETATM 261 O  O     . HOH C 3 .  ? -2.139  -14.967 12.262  1.00 59.33  ? 206 HOH A O     1 
HETATM 262 O  O     . HOH C 3 .  ? 7.814   -4.887  -3.363  1.00 58.33  ? 207 HOH A O     1 
# 
loop_
_atom_site_anisotrop.id 
_atom_site_anisotrop.type_symbol 
_atom_site_anisotrop.pdbx_label_atom_id 
_atom_site_anisotrop.pdbx_label_alt_id 
_atom_site_anisotrop.pdbx_label_comp_id 
_atom_site_anisotrop.pdbx_label_asym_id 
_atom_site_anisotrop.pdbx_label_seq_id 
_atom_site_anisotrop.pdbx_PDB_ins_code 
_atom_site_anisotrop.U[1][1] 
_atom_site_anisotrop.U[2][2] 
_atom_site_anisotrop.U[3][3] 
_atom_site_anisotrop.U[1][2] 
_atom_site_anisotrop.U[1][3] 
_atom_site_anisotrop.U[2][3] 
_atom_site_anisotrop.pdbx_auth_seq_id 
_atom_site_anisotrop.pdbx_auth_comp_id 
_atom_site_anisotrop.pdbx_auth_asym_id 
_atom_site_anisotrop.pdbx_auth_atom_id 
1   O "O5'" . DG A 1  ? 1.1395 1.5419 0.9100 -0.0986 0.0297  -0.0617 1  DG A "O5'" 
2   C "C5'" . DG A 1  ? 1.0705 1.4713 0.8817 -0.0972 0.0246  -0.0278 1  DG A "C5'" 
3   C "C4'" . DG A 1  ? 1.0250 1.4220 0.8261 -0.0968 0.0028  -0.0125 1  DG A "C4'" 
4   O "O4'" . DG A 1  ? 0.9939 1.3941 0.7901 -0.1022 -0.0192 -0.0378 1  DG A "O4'" 
5   C "C3'" . DG A 1  ? 0.9839 1.3453 0.8179 -0.1042 0.0018  0.0062  1  DG A "C3'" 
6   O "O3'" . DG A 1  ? 0.9874 1.3337 0.7959 -0.0913 0.0031  0.0340  1  DG A "O3'" 
7   C "C2'" . DG A 1  ? 0.9345 1.2854 0.7978 -0.1105 -0.0178 -0.0180 1  DG A "C2'" 
8   C "C1'" . DG A 1  ? 0.9093 1.2788 0.7436 -0.1047 -0.0318 -0.0358 1  DG A "C1'" 
9   N N9    . DG A 1  ? 0.8628 1.2208 0.7098 -0.1111 -0.0374 -0.0676 1  DG A N9    
10  C C8    . DG A 1  ? 0.8462 1.1988 0.6966 -0.1164 -0.0553 -0.0797 1  DG A C8    
11  N N7    . DG A 1  ? 0.8508 1.1786 0.7090 -0.1215 -0.0468 -0.1068 1  DG A N7    
12  C C5    . DG A 1  ? 0.8564 1.1749 0.7162 -0.1128 -0.0198 -0.1093 1  DG A C5    
13  C C6    . DG A 1  ? 0.8699 1.1548 0.7344 -0.1023 0.0117  -0.1252 1  DG A C6    
14  O O6    . DG A 1  ? 0.8810 1.1260 0.7454 -0.1023 0.0237  -0.1437 1  DG A O6    
15  N N1    . DG A 1  ? 0.8763 1.1732 0.7451 -0.0861 0.0389  -0.1119 1  DG A N1    
16  C C2    . DG A 1  ? 0.8965 1.2317 0.7665 -0.0875 0.0338  -0.0899 1  DG A C2    
17  N N2    . DG A 1  ? 0.9422 1.2925 0.8217 -0.0710 0.0652  -0.0765 1  DG A N2    
18  N N3    . DG A 1  ? 0.8852 1.2389 0.7465 -0.0998 0.0079  -0.0770 1  DG A N3    
19  C C4    . DG A 1  ? 0.8584 1.2025 0.7144 -0.1086 -0.0167 -0.0861 1  DG A C4    
20  P P     . DG A 2  ? 1.0161 1.2945 0.8293 -0.0999 0.0190  0.0543  2  DG A P     
21  O OP1   . DG A 2  ? 1.0866 1.3467 0.8625 -0.0690 0.0393  0.0950  2  DG A OP1   
22  O OP2   . DG A 2  ? 1.0151 1.2784 0.8500 -0.1320 0.0351  0.0493  2  DG A OP2   
23  O "O5'" . DG A 2  ? 0.9529 1.2151 0.7881 -0.1073 -0.0061 0.0325  2  DG A "O5'" 
24  C "C5'" . DG A 2  ? 0.8770 1.1546 0.7036 -0.0855 -0.0226 0.0366  2  DG A "C5'" 
25  C "C4'" . DG A 2  ? 0.8025 1.0617 0.6553 -0.0971 -0.0419 0.0131  2  DG A "C4'" 
26  O "O4'" . DG A 2  ? 0.7414 1.0322 0.6192 -0.1083 -0.0555 -0.0169 2  DG A "O4'" 
27  C "C3'" . DG A 2  ? 0.8023 1.0009 0.6578 -0.1194 -0.0304 0.0116  2  DG A "C3'" 
28  O "O3'" . DG A 2  ? 0.8053 0.9718 0.6582 -0.1127 -0.0378 0.0099  2  DG A "O3'" 
29  C "C2'" . DG A 2  ? 0.7618 0.9962 0.6526 -0.1422 -0.0422 -0.0107 2  DG A "C2'" 
30  C "C1'" . DG A 2  ? 0.7143 0.9872 0.6196 -0.1237 -0.0588 -0.0263 2  DG A "C1'" 
31  N N9    . DG A 2  ? 0.7095 1.0172 0.6401 -0.1248 -0.0556 -0.0389 2  DG A N9    
32  C C8    . DG A 2  ? 0.7145 1.0501 0.6579 -0.1317 -0.0403 -0.0309 2  DG A C8    
33  N N7    . DG A 2  ? 0.7093 1.0733 0.6759 -0.1192 -0.0319 -0.0371 2  DG A N7    
34  C C5    . DG A 2  ? 0.6923 1.0335 0.6572 -0.1076 -0.0401 -0.0536 2  DG A C5    
35  C C6    . DG A 2  ? 0.7082 1.0435 0.6850 -0.0886 -0.0242 -0.0641 2  DG A C6    
36  O O6    . DG A 2  ? 0.7868 1.1387 0.7787 -0.0700 0.0029  -0.0567 2  DG A O6    
37  N N1    . DG A 2  ? 0.6952 0.9959 0.6628 -0.0888 -0.0337 -0.0806 2  DG A N1    
38  C C2    . DG A 2  ? 0.6651 0.9548 0.6208 -0.1012 -0.0584 -0.0822 2  DG A C2    
39  N N2    . DG A 2  ? 0.6633 0.9302 0.6177 -0.1010 -0.0628 -0.0958 2  DG A N2    
40  N N3    . DG A 2  ? 0.6439 0.9396 0.5881 -0.1099 -0.0697 -0.0674 2  DG A N3    
41  C C4    . DG A 2  ? 0.6696 0.9840 0.6159 -0.1143 -0.0584 -0.0557 2  DG A C4    
42  P P     . DA A 3  ? 0.8799 0.9575 0.6923 -0.1098 -0.0059 0.0299  3  DA A P     
43  O OP1   . DA A 3  ? 0.9433 1.0001 0.7249 -0.0874 0.0278  0.0648  3  DA A OP1   
44  O OP2   . DA A 3  ? 0.9266 0.9591 0.7318 -0.1547 -0.0023 0.0059  3  DA A OP2   
45  O "O5'" . DA A 3  ? 0.8870 0.9691 0.7026 -0.0780 -0.0162 0.0398  3  DA A "O5'" 
46  C "C5'" . DA A 3  ? 0.8558 1.0202 0.6939 -0.0537 -0.0393 0.0475  3  DA A "C5'" 
47  C "C4'" . DA A 3  ? 0.8197 0.9832 0.6666 -0.0357 -0.0459 0.0545  3  DA A "C4'" 
48  O "O4'" . DA A 3  ? 0.7603 0.9450 0.6389 -0.0570 -0.0740 0.0194  3  DA A "O4'" 
49  C "C3'" . DA A 3  ? 0.8836 0.9490 0.6980 -0.0280 -0.0144 0.0664  3  DA A "C3'" 
50  O "O3'" . DA A 3  ? 0.9630 1.0403 0.7820 0.0079  -0.0090 0.0931  3  DA A "O3'" 
51  C "C2'" . DA A 3  ? 0.8560 0.8971 0.6801 -0.0680 -0.0326 0.0252  3  DA A "C2'" 
52  C "C1'" . DA A 3  ? 0.7656 0.8874 0.6366 -0.0688 -0.0688 0.0075  3  DA A "C1'" 
53  N N9    . DA A 3  ? 0.7507 0.8933 0.6454 -0.0950 -0.0858 -0.0211 3  DA A N9    
54  C C8    . DA A 3  ? 0.7707 0.9338 0.6712 -0.1129 -0.0848 -0.0288 3  DA A C8    
55  N N7    . DA A 3  ? 0.7365 0.9317 0.6656 -0.1228 -0.0963 -0.0437 3  DA A N7    
56  C C5    . DA A 3  ? 0.7149 0.9036 0.6547 -0.1115 -0.1054 -0.0478 3  DA A C5    
57  C C6    . DA A 3  ? 0.6890 0.8988 0.6562 -0.1058 -0.1121 -0.0545 3  DA A C6    
58  N N6    . DA A 3  ? 0.6946 0.9448 0.6862 -0.1060 -0.1098 -0.0539 3  DA A N6    
59  N N1    . DA A 3  ? 0.6986 0.8896 0.6682 -0.0936 -0.1154 -0.0539 3  DA A N1    
60  C C2    . DA A 3  ? 0.7162 0.8788 0.6666 -0.0868 -0.1133 -0.0465 3  DA A C2    
61  N N3    . DA A 3  ? 0.7370 0.8847 0.6634 -0.0844 -0.1048 -0.0343 3  DA A N3    
62  C C4    . DA A 3  ? 0.7421 0.8998 0.6623 -0.0976 -0.1008 -0.0364 3  DA A C4    
63  P P     . DA A 4  ? 0.9985 1.0749 0.7948 0.0669  0.0322  0.1578  4  DA A P     
64  O OP1   . DA A 4  ? 1.0303 1.1673 0.8560 0.0940  0.0209  0.1780  4  DA A OP1   
65  O OP2   . DA A 4  ? 0.9887 1.1295 0.7839 0.0801  0.0341  0.1834  4  DA A OP2   
66  O "O5'" . DA A 4  ? 1.0937 1.0112 0.8263 0.0704  0.0914  0.1637  4  DA A "O5'" 
67  C "C5'" . DA A 4  ? 1.1792 1.0189 0.8680 0.0619  0.1323  0.1717  4  DA A "C5'" 
68  C "C4'" . DA A 4  ? 1.3053 0.9865 0.9218 0.0798  0.2075  0.1919  4  DA A "C4'" 
69  O "O4'" . DA A 4  ? 1.3337 1.0310 0.9451 0.1618  0.2496  0.2654  4  DA A "O4'" 
70  C "C3'" . DA A 4  ? 1.3412 0.9436 0.9310 0.0523  0.2099  0.1547  4  DA A "C3'" 
71  O "O3'" . DA A 4  ? 1.5593 0.9887 1.0620 0.0210  0.2741  0.1358  4  DA A "O3'" 
72  C "C2'" . DA A 4  ? 1.3174 0.9562 0.9246 0.1217  0.2225  0.2033  4  DA A "C2'" 
73  C "C1'" . DA A 4  ? 1.3447 0.9924 0.9410 0.1891  0.2722  0.2759  4  DA A "C1'" 
74  N N9    . DA A 4  ? 1.2469 1.0425 0.9010 0.2506  0.2512  0.3314  4  DA A N9    
75  C C8    . DA A 4  ? 1.1263 1.1043 0.8501 0.2447  0.1845  0.3338  4  DA A C8    
76  N N7    . DA A 4  ? 1.0941 1.1921 0.8582 0.2940  0.1780  0.3859  4  DA A N7    
77  C C5    . DA A 4  ? 1.1763 1.1616 0.8990 0.3472  0.2476  0.4264  4  DA A C5    
78  C C6    . DA A 4  ? 1.2144 1.2537 0.9547 0.4206  0.2813  0.4975  4  DA A C6    
79  N N6    . DA A 4  ? 1.1643 1.4118 0.9771 0.4441  0.2396  0.5401  4  DA A N6    
80  N N1    . DA A 4  ? 1.3278 1.2018 1.0052 0.4653  0.3636  0.5233  4  DA A N1    
81  C C2    . DA A 4  ? 1.4172 1.0854 1.0127 0.4260  0.4066  0.4736  4  DA A C2    
82  N N3    . DA A 4  ? 1.3952 1.0123 0.9716 0.3488  0.3758  0.4054  4  DA A N3    
83  C C4    . DA A 4  ? 1.2753 1.0618 0.9231 0.3184  0.2953  0.3884  4  DA A C4    
84  P P     . DA A 5  ? 1.6456 1.0069 1.1083 -0.0448 0.2629  0.0734  5  DA A P     
85  O OP1   . DA A 5  ? 1.6727 1.0407 1.1289 -0.1302 0.2390  0.0226  5  DA A OP1   
86  O OP2   . DA A 5  ? 1.5082 0.9654 1.0251 -0.0204 0.2122  0.0728  5  DA A OP2   
87  O "O5'" . DA A 5  ? 1.8135 0.9785 1.1696 -0.0285 0.3579  0.0846  5  DA A "O5'" 
88  C "C5'" . DA A 5  ? 1.8981 1.0109 1.2361 0.0643  0.4241  0.1556  5  DA A "C5'" 
89  C "C4'" . DA A 5  ? 1.9764 0.9877 1.2586 0.0920  0.4698  0.1595  5  DA A "C4'" 
90  O "O4'" . DA A 5  ? 1.8791 1.0150 1.2346 0.1784  0.4504  0.2211  5  DA A "O4'" 
91  C "C3'" . DA A 5  ? 1.9761 0.9770 1.2360 0.0193  0.4280  0.0885  5  DA A "C3'" 
92  O "O3'" . DA A 5  ? 2.2031 1.0157 1.3513 0.0256  0.5136  0.0822  5  DA A "O3'" 
93  C "C2'" . DA A 5  ? 1.7887 0.9763 1.1570 0.0537  0.3464  0.1045  5  DA A "C2'" 
94  C "C1'" . DA A 5  ? 1.7558 0.9816 1.1577 0.1554  0.3833  0.1876  5  DA A "C1'" 
95  N N9    . DA A 5  ? 1.5250 0.9531 1.0386 0.1887  0.3146  0.2195  5  DA A N9    
96  C C8    . DA A 5  ? 1.3772 0.9390 0.9610 0.1470  0.2365  0.1901  5  DA A C8    
97  N N7    . DA A 5  ? 1.2596 0.9753 0.9213 0.1816  0.1969  0.2241  5  DA A N7    
98  C C5    . DA A 5  ? 1.2975 1.0031 0.9512 0.2535  0.2466  0.2862  5  DA A C5    
99  C C6    . DA A 5  ? 1.2367 1.0881 0.9548 0.3106  0.2362  0.3475  5  DA A C6    
100 N N6    . DA A 5  ? 1.1195 1.1468 0.9145 0.2919  0.1696  0.3453  5  DA A N6    
101 N N1    . DA A 5  ? 1.3254 1.1382 1.0219 0.3842  0.3013  0.4112  5  DA A N1    
102 C C2    . DA A 5  ? 1.4805 1.0932 1.0838 0.3985  0.3790  0.4075  5  DA A C2    
103 N N3    . DA A 5  ? 1.5627 1.0134 1.0881 0.3376  0.3973  0.3437  5  DA A N3    
104 C C4    . DA A 5  ? 1.4541 0.9753 1.0161 0.2658  0.3236  0.2869  5  DA A C4    
105 P P     . DG A 6  ? 2.2662 1.0199 1.3470 -0.0453 0.4999  0.0127  6  DG A P     
106 O OP1   . DG A 6  ? 2.4570 0.9713 1.3850 -0.0907 0.6019  -0.0211 6  DG A OP1   
107 O OP2   . DG A 6  ? 2.1045 1.0206 1.2563 -0.1158 0.3959  -0.0346 6  DG A OP2   
108 O "O5'" . DG A 6  ? 2.1255 0.9246 1.2421 0.0391  0.4998  0.0568  6  DG A "O5'" 
109 C "C5'" . DG A 6  ? 2.2244 0.9226 1.3038 0.1344  0.5912  0.1238  6  DG A "C5'" 
110 C "C4'" . DG A 6  ? 2.1127 0.9394 1.2735 0.2049  0.5576  0.1683  6  DG A "C4'" 
111 O "O4'" . DG A 6  ? 1.9038 0.9461 1.1996 0.2284  0.4763  0.2011  6  DG A "O4'" 
112 C "C3'" . DG A 6  ? 2.0935 0.9477 1.2464 0.1549  0.5070  0.1135  6  DG A "C3'" 
113 O "O3'" . DG A 6  ? 2.1730 1.0187 1.3273 0.2270  0.5421  0.1566  6  DG A "O3'" 
114 C "C2'" . DG A 6  ? 1.8444 0.9121 1.1247 0.1306  0.3958  0.1033  6  DG A "C2'" 
115 C "C1'" . DG A 6  ? 1.7445 0.9132 1.1083 0.2100  0.4005  0.1787  6  DG A "C1'" 
116 N N9    . DG A 6  ? 1.5207 0.8717 0.9942 0.1952  0.3168  0.1798  6  DG A N9    
117 C C8    . DG A 6  ? 1.4410 0.8426 0.9375 0.1266  0.2585  0.1300  6  DG A C8    
118 N N7    . DG A 6  ? 1.3002 0.8567 0.8909 0.1325  0.1992  0.1427  6  DG A N7    
119 C C5    . DG A 6  ? 1.2702 0.8967 0.9053 0.1999  0.2129  0.2016  6  DG A C5    
120 C C6    . DG A 6  ? 1.1430 0.9403 0.8713 0.2216  0.1687  0.2335  6  DG A C6    
121 O O6    . DG A 6  ? 1.0828 0.9837 0.8647 0.1869  0.1129  0.2115  6  DG A O6    
122 N N1    . DG A 6  ? 1.1069 0.9521 0.8584 0.2877  0.2007  0.2971  6  DG A N1    
123 C C2    . DG A 6  ? 1.2436 0.9725 0.9350 0.3385  0.2733  0.3301  6  DG A C2    
124 N N2    . DG A 6  ? 1.2428 1.0577 0.9766 0.4068  0.2983  0.4007  6  DG A N2    
125 N N3    . DG A 6  ? 1.3838 0.9280 0.9762 0.3197  0.3221  0.2958  6  DG A N3    
126 C C4    . DG A 6  ? 1.3869 0.8960 0.9571 0.2448  0.2849  0.2302  6  DG A C4    
127 P P     . DC A 7  ? 2.3411 1.0696 1.3953 0.1954  0.5699  0.1099  7  DC A P     
128 O OP1   . DC A 7  ? 2.5476 1.0317 1.4428 0.1696  0.6746  0.0816  7  DC A OP1   
129 O OP2   . DC A 7  ? 2.1837 1.0339 1.2814 0.1204  0.4712  0.0523  7  DC A OP2   
130 O "O5'" . DC A 7  ? 2.3237 1.1035 1.4273 0.2952  0.5968  0.1803  7  DC A "O5'" 
131 C "C5'" . DC A 7  ? 2.3073 1.1427 1.4744 0.3970  0.6393  0.2735  7  DC A "C5'" 
132 C "C4'" . DC A 7  ? 2.0858 1.1525 1.3997 0.4305  0.5626  0.3148  7  DC A "C4'" 
133 O "O4'" . DC A 7  ? 1.8749 1.0898 1.2778 0.3786  0.4703  0.2900  7  DC A "O4'" 
134 C "C3'" . DC A 7  ? 2.0314 1.1311 1.3553 0.4104  0.5277  0.2858  7  DC A "C3'" 
135 O "O3'" . DC A 7  ? 2.0888 1.2276 1.4465 0.4961  0.5726  0.3571  7  DC A "O3'" 
136 C "C2'" . DC A 7  ? 1.8084 1.0789 1.2348 0.3500  0.4168  0.2495  7  DC A "C2'" 
137 C "C1'" . DC A 7  ? 1.6841 1.0517 1.1791 0.3597  0.3933  0.2789  7  DC A "C1'" 
138 N N1    . DC A 7  ? 1.5070 0.9607 1.0505 0.2886  0.3117  0.2283  7  DC A N1    
139 C C2    . DC A 7  ? 1.3430 0.9749 0.9993 0.2909  0.2517  0.2494  7  DC A C2    
140 O O2    . DC A 7  ? 1.3519 1.0832 1.0692 0.3438  0.2610  0.3082  7  DC A O2    
141 N N3    . DC A 7  ? 1.2001 0.8947 0.8923 0.2326  0.1892  0.2056  7  DC A N3    
142 C C4    . DC A 7  ? 1.2496 0.8589 0.8822 0.1775  0.1808  0.1505  7  DC A C4    
143 N N4    . DC A 7  ? 1.1655 0.8476 0.8405 0.1303  0.1245  0.1171  7  DC A N4    
144 C C5    . DC A 7  ? 1.3986 0.8476 0.9214 0.1642  0.2334  0.1269  7  DC A C5    
145 C C6    . DC A 7  ? 1.5287 0.8933 1.0040 0.2190  0.3000  0.1633  7  DC A C6    
146 P P     . DT A 8  ? 2.0828 1.2863 1.4752 0.4924  0.5405  0.3479  8  DT A P     
147 O OP1   . DT A 8  ? 2.1144 1.2787 1.4893 0.5838  0.6247  0.4183  8  DT A OP1   
148 O OP2   . DT A 8  ? 2.0448 1.1672 1.3612 0.4073  0.5050  0.2598  8  DT A OP2   
149 O "O5'" . DT A 8  ? 1.8929 1.3369 1.4448 0.4838  0.4509  0.3716  8  DT A "O5'" 
150 C "C5'" . DT A 8  ? 1.7814 1.3608 1.4194 0.5261  0.4462  0.4359  8  DT A "C5'" 
151 C "C4'" . DT A 8  ? 1.5802 1.3734 1.3500 0.5085  0.3736  0.4510  8  DT A "C4'" 
152 O "O4'" . DT A 8  ? 1.4492 1.2981 1.2527 0.4316  0.2959  0.3911  8  DT A "O4'" 
153 C "C3'" . DT A 8  ? 1.5401 1.3455 1.3274 0.5014  0.3650  0.4400  8  DT A "C3'" 
154 O "O3'" . DT A 8  ? 1.4999 1.4901 1.4004 0.5252  0.3484  0.4965  8  DT A "O3'" 
155 C "C2'" . DT A 8  ? 1.4391 1.2162 1.2128 0.4185  0.3009  0.3567  8  DT A "C2'" 
156 C "C1'" . DT A 8  ? 1.3387 1.1935 1.1565 0.3798  0.2509  0.3392  8  DT A "C1'" 
157 N N1    . DT A 8  ? 1.2694 1.0463 1.0357 0.3170  0.2171  0.2688  8  DT A N1    
158 C C2    . DT A 8  ? 1.1347 1.0065 0.9617 0.2710  0.1573  0.2430  8  DT A C2    
159 O O2    . DT A 8  ? 1.0626 1.0682 0.9726 0.2712  0.1307  0.2672  8  DT A O2    
160 N N3    . DT A 8  ? 1.1166 0.9262 0.8996 0.2207  0.1321  0.1872  8  DT A N3    
161 C C4    . DT A 8  ? 1.2149 0.8952 0.9016 0.2013  0.1546  0.1523  8  DT A C4    
162 O O4    . DT A 8  ? 1.2206 0.8863 0.8854 0.1510  0.1246  0.1080  8  DT A O4    
163 C C5    . DT A 8  ? 1.3316 0.9079 0.9470 0.2408  0.2169  0.1727  8  DT A C5    
164 C C7    . DT A 8  ? 1.4714 0.9011 0.9648 0.2080  0.2471  0.1279  8  DT A C7    
165 C C6    . DT A 8  ? 1.3586 0.9809 1.0168 0.3012  0.2475  0.2308  8  DT A C6    
166 P P     . DT A 9  ? 1.5014 1.5290 1.4401 0.5161  0.3396  0.4935  9  DT A P     
167 O OP1   . DT A 9  ? 1.4678 1.5960 1.4624 0.5874  0.3868  0.5808  9  DT A OP1   
168 O OP2   . DT A 9  ? 1.5640 1.4165 1.3991 0.4946  0.3530  0.4344  9  DT A OP2   
169 O "O5'" . DT A 9  ? 1.3215 1.4932 1.3556 0.4397  0.2577  0.4574  9  DT A "O5'" 
170 C "C5'" . DT A 9  ? 1.1857 1.4728 1.2734 0.4069  0.2135  0.4547  9  DT A "C5'" 
171 C "C4'" . DT A 9  ? 1.0658 1.3920 1.1920 0.3253  0.1513  0.3917  9  DT A "C4'" 
172 O "O4'" . DT A 9  ? 1.0426 1.2518 1.1023 0.2944  0.1322  0.3322  9  DT A "O4'" 
173 C "C3'" . DT A 9  ? 1.0246 1.3362 1.1709 0.3052  0.1503  0.3748  9  DT A "C3'" 
174 O "O3'" . DT A 9  ? 0.9854 1.4549 1.2279 0.2717  0.1306  0.3936  9  DT A "O3'" 
175 C "C2'" . DT A 9  ? 0.9867 1.1974 1.0882 0.2587  0.1211  0.3055  9  DT A "C2'" 
176 C "C1'" . DT A 9  ? 0.9643 1.1422 1.0277 0.2459  0.1026  0.2808  9  DT A "C1'" 
177 N N1    . DT A 9  ? 0.9348 0.9753 0.9104 0.2405  0.1065  0.2402  9  DT A N1    
178 C C2    . DT A 9  ? 0.8881 0.9169 0.8553 0.1963  0.0699  0.1947  9  DT A C2    
179 O O2    . DT A 9  ? 0.8146 0.9220 0.8360 0.1639  0.0389  0.1827  9  DT A O2    
180 N N3    . DT A 9  ? 0.9277 0.8538 0.8165 0.1871  0.0735  0.1628  9  DT A N3    
181 C C4    . DT A 9  ? 1.0234 0.8487 0.8310 0.2090  0.1100  0.1639  9  DT A C4    
182 O O4    . DT A 9  ? 1.0990 0.8536 0.8365 0.1823  0.1057  0.1278  9  DT A O4    
183 C C5    . DT A 9  ? 1.0499 0.8703 0.8608 0.2590  0.1533  0.2092  9  DT A C5    
184 C C7    . DT A 9  ? 1.1605 0.8571 0.8717 0.2850  0.2037  0.2095  9  DT A C7    
185 C C6    . DT A 9  ? 1.0090 0.9421 0.9084 0.2760  0.1491  0.2488  9  DT A C6    
186 P P     . DG A 10 ? 0.9925 1.4819 1.2769 0.2599  0.1451  0.4011  10 DG A P     
187 O OP1   . DG A 10 ? 0.9869 1.6643 1.3664 0.2440  0.1423  0.4475  10 DG A OP1   
188 O OP2   . DG A 10 ? 1.0756 1.4307 1.2907 0.3154  0.1876  0.4111  10 DG A OP2   
189 O "O5'" . DG A 10 ? 0.9695 1.4207 1.2598 0.1864  0.1114  0.3341  10 DG A "O5'" 
190 C "C5'" . DG A 10 ? 0.8877 1.4154 1.2133 0.1211  0.0742  0.3013  10 DG A "C5'" 
191 C "C4'" . DG A 10 ? 0.8649 1.2905 1.1617 0.0798  0.0622  0.2413  10 DG A "C4'" 
192 O "O4'" . DG A 10 ? 0.8657 1.1738 1.0885 0.1142  0.0596  0.2231  10 DG A "O4'" 
193 C "C3'" . DG A 10 ? 0.8650 1.2398 1.1740 0.0712  0.0879  0.2374  10 DG A "C3'" 
194 O "O3'" . DG A 10 ? 0.8835 1.2140 1.1915 0.0177  0.0809  0.1892  10 DG A "O3'" 
195 C "C2'" . DG A 10 ? 0.8657 1.1278 1.1072 0.1327  0.1048  0.2467  10 DG A "C2'" 
196 C "C1'" . DG A 10 ? 0.8271 1.0422 1.0184 0.1309  0.0780  0.2152  10 DG A "C1'" 
197 N N9    . DG A 10 ? 0.8019 0.9307 0.9167 0.1742  0.0858  0.2171  10 DG A N9    
198 C C8    . DG A 10 ? 0.8404 0.9267 0.9135 0.2231  0.1177  0.2475  10 DG A C8    
199 N N7    . DG A 10 ? 0.8852 0.8814 0.8754 0.2369  0.1208  0.2290  10 DG A N7    
200 C C5    . DG A 10 ? 0.8402 0.8357 0.8287 0.1983  0.0851  0.1900  10 DG A C5    
201 C C6    . DG A 10 ? 0.8484 0.7830 0.7703 0.1848  0.0703  0.1575  10 DG A C6    
202 O O6    . DG A 10 ? 0.9485 0.8076 0.7894 0.1951  0.0860  0.1492  10 DG A O6    
203 N N1    . DG A 10 ? 0.7685 0.7376 0.7218 0.1497  0.0376  0.1309  10 DG A N1    
204 C C2    . DG A 10 ? 0.7270 0.7596 0.7516 0.1270  0.0261  0.1290  10 DG A C2    
205 N N2    . DG A 10 ? 0.7206 0.7625 0.7548 0.0985  0.0039  0.1013  10 DG A N2    
206 N N3    . DG A 10 ? 0.7249 0.8078 0.8031 0.1274  0.0395  0.1512  10 DG A N3    
207 C C4    . DG A 10 ? 0.7778 0.8480 0.8406 0.1648  0.0661  0.1837  10 DG A C4    
208 P P     . DG A 11 ? 0.9497 1.2259 1.2762 -0.0091 0.1155  0.1792  11 DG A P     
209 O OP1   . DG A 11 ? 1.0049 1.3145 1.3613 -0.0913 0.1156  0.1414  11 DG A OP1   
210 O OP2   . DG A 11 ? 0.9250 1.2202 1.2734 0.0255  0.1438  0.2244  11 DG A OP2   
211 O "O5'" . DG A 11 ? 0.8949 1.0466 1.1626 0.0228  0.1205  0.1597  11 DG A "O5'" 
212 C "C5'" . DG A 11 ? 0.8238 0.9490 1.0549 0.0237  0.0926  0.1318  11 DG A "C5'" 
213 C "C4'" . DG A 11 ? 0.8028 0.8482 0.9838 0.0692  0.0979  0.1355  11 DG A "C4'" 
214 O "O4'" . DG A 11 ? 0.7819 0.8238 0.9251 0.1136  0.0910  0.1585  11 DG A "O4'" 
215 C "C3'" . DG A 11 ? 0.8312 0.8210 1.0162 0.0831  0.1381  0.1495  11 DG A "C3'" 
216 O "O3'" . DG A 11 ? 0.8486 0.7914 0.9961 0.1132  0.1394  0.1490  11 DG A "O3'" 
217 C "C2'" . DG A 11 ? 0.8164 0.8134 0.9931 0.1215  0.1506  0.1852  11 DG A "C2'" 
218 C "C1'" . DG A 11 ? 0.7718 0.7775 0.9007 0.1467  0.1193  0.1837  11 DG A "C1'" 
219 N N9    . DG A 11 ? 0.7512 0.7719 0.8686 0.1755  0.1293  0.2114  11 DG A N9    
220 C C8    . DG A 11 ? 0.7551 0.8176 0.9185 0.1786  0.1541  0.2411  11 DG A C8    
221 N N7    . DG A 11 ? 0.7770 0.8379 0.9120 0.2187  0.1669  0.2680  11 DG A N7    
222 C C5    . DG A 11 ? 0.8020 0.8040 0.8602 0.2344  0.1509  0.2478  11 DG A C5    
223 C C6    . DG A 11 ? 0.8703 0.8196 0.8542 0.2699  0.1658  0.2558  11 DG A C6    
224 O O6    . DG A 11 ? 0.9502 0.8921 0.9223 0.3070  0.1997  0.2887  11 DG A O6    
225 N N1    . DG A 11 ? 0.8755 0.7725 0.7900 0.2574  0.1440  0.2211  11 DG A N1    
226 C C2    . DG A 11 ? 0.8392 0.7501 0.7644 0.2246  0.1104  0.1912  11 DG A C2    
227 N N2    . DG A 11 ? 0.8770 0.7513 0.7347 0.2121  0.0927  0.1636  11 DG A N2    
228 N N3    . DG A 11 ? 0.7920 0.7456 0.7852 0.2034  0.1015  0.1888  11 DG A N3    
229 C C4    . DG A 11 ? 0.7804 0.7694 0.8324 0.2059  0.1238  0.2141  11 DG A C4    
230 P P     . DA A 12 ? 0.9136 0.7952 1.0692 0.1171  0.1846  0.1532  12 DA A P     
231 O OP1   . DA A 12 ? 0.9673 0.8338 1.1563 0.0556  0.2052  0.1220  12 DA A OP1   
232 O OP2   . DA A 12 ? 0.9340 0.7872 1.0794 0.1626  0.2188  0.1937  12 DA A OP2   
233 O "O5'" . DA A 12 ? 0.9317 0.8144 1.0575 0.1380  0.1635  0.1462  12 DA A "O5'" 
234 C "C5'" . DA A 12 ? 0.8891 0.7994 1.0148 0.1053  0.1287  0.1124  12 DA A "C5'" 
235 C "C4'" . DA A 12 ? 0.8491 0.7864 0.9421 0.1328  0.0990  0.1173  12 DA A "C4'" 
236 O "O4'" . DA A 12 ? 0.8170 0.7835 0.8769 0.1458  0.0692  0.1253  12 DA A "O4'" 
237 C "C3'" . DA A 12 ? 0.9240 0.8507 1.0075 0.1791  0.1267  0.1500  12 DA A "C3'" 
238 O "O3'" . DA A 12 ? 1.0699 1.0317 1.1453 0.1825  0.1058  0.1439  12 DA A "O3'" 
239 C "C2'" . DA A 12 ? 0.8958 0.8511 0.9482 0.2120  0.1154  0.1790  12 DA A "C2'" 
240 C "C1'" . DA A 12 ? 0.8123 0.7937 0.8390 0.1836  0.0702  0.1520  12 DA A "C1'" 
241 N N9    . DA A 12 ? 0.7771 0.7556 0.7676 0.1963  0.0666  0.1630  12 DA A N9    
242 C C8    . DA A 12 ? 0.7557 0.7105 0.7600 0.1949  0.0840  0.1685  12 DA A C8    
243 N N7    . DA A 12 ? 0.7742 0.7219 0.7296 0.2128  0.0833  0.1787  12 DA A N7    
244 C C5    . DA A 12 ? 0.7885 0.7589 0.6899 0.2159  0.0601  0.1735  12 DA A C5    
245 C C6    . DA A 12 ? 0.8346 0.8069 0.6565 0.2196  0.0498  0.1713  12 DA A C6    
246 N N6    . DA A 12 ? 0.8922 0.8232 0.6704 0.2320  0.0691  0.1765  12 DA A N6    
247 N N1    . DA A 12 ? 0.8463 0.8702 0.6309 0.2073  0.0229  0.1644  12 DA A N1    
248 C C2    . DA A 12 ? 0.8270 0.8955 0.6581 0.2027  0.0099  0.1660  12 DA A C2    
249 N N3    . DA A 12 ? 0.7847 0.8373 0.6852 0.2049  0.0232  0.1668  12 DA A N3    
250 C C4    . DA A 12 ? 0.7743 0.7758 0.7037 0.2069  0.0472  0.1674  12 DA A C4    
251 P P     . DG A 13 ? 1.1645 1.0964 1.2555 0.2052  0.1500  0.1568  13 DG A P     
252 O OP1   . DG A 13 ? 1.1516 1.1469 1.2366 0.2051  0.1159  0.1517  13 DG A OP1   
253 O OP2   . DG A 13 ? 1.2131 1.0601 1.3205 0.1689  0.1924  0.1280  13 DG A OP2   
254 O "O5'" . DG A 13 ? 1.1852 1.1168 1.2725 0.2691  0.1909  0.2150  13 DG A "O5'" 
# 
loop_
_pdbx_poly_seq_scheme.asym_id 
_pdbx_poly_seq_scheme.entity_id 
_pdbx_poly_seq_scheme.seq_id 
_pdbx_poly_seq_scheme.mon_id 
_pdbx_poly_seq_scheme.ndb_seq_num 
_pdbx_poly_seq_scheme.pdb_seq_num 
_pdbx_poly_seq_scheme.auth_seq_num 
_pdbx_poly_seq_scheme.pdb_mon_id 
_pdbx_poly_seq_scheme.auth_mon_id 
_pdbx_poly_seq_scheme.pdb_strand_id 
_pdbx_poly_seq_scheme.pdb_ins_code 
_pdbx_poly_seq_scheme.hetero 
A 1 1  DG 1  1  1  DG DG A . n 
A 1 2  DG 2  2  2  DG DG A . n 
A 1 3  DA 3  3  3  DA DA A . n 
A 1 4  DA 4  4  4  DA DA A . n 
A 1 5  DA 5  5  5  DA DA A . n 
A 1 6  DG 6  6  6  DG DG A . n 
A 1 7  DC 7  7  7  DC DC A . n 
A 1 8  DT 8  8  8  DT DT A . n 
A 1 9  DT 9  9  9  DT DT A . n 
A 1 10 DG 10 10 10 DG DG A . n 
A 1 11 DG 11 11 11 DG DG A . n 
A 1 12 DA 12 12 12 DA DA A . n 
A 1 13 DG 13 13 13 DG DG A . n 
# 
loop_
_pdbx_nonpoly_scheme.asym_id 
_pdbx_nonpoly_scheme.entity_id 
_pdbx_nonpoly_scheme.mon_id 
_pdbx_nonpoly_scheme.ndb_seq_num 
_pdbx_nonpoly_scheme.pdb_seq_num 
_pdbx_nonpoly_scheme.auth_seq_num 
_pdbx_nonpoly_scheme.pdb_mon_id 
_pdbx_nonpoly_scheme.auth_mon_id 
_pdbx_nonpoly_scheme.pdb_strand_id 
_pdbx_nonpoly_scheme.pdb_ins_code 
B 2 MG  1 101 1 MG  MG  A . 
C 3 HOH 1 201 0 HOH HOH A . 
C 3 HOH 2 202 0 HOH HOH A . 
C 3 HOH 3 203 0 HOH HOH A . 
C 3 HOH 4 204 0 HOH HOH A . 
C 3 HOH 5 205 0 HOH HOH A . 
C 3 HOH 6 206 0 HOH HOH A . 
C 3 HOH 7 207 0 HOH HOH A . 
# 
_pdbx_struct_assembly.id                   1 
_pdbx_struct_assembly.details              author_defined_assembly 
_pdbx_struct_assembly.method_details       ? 
_pdbx_struct_assembly.oligomeric_details   dimeric 
_pdbx_struct_assembly.oligomeric_count     2 
# 
_pdbx_struct_assembly_gen.assembly_id       1 
_pdbx_struct_assembly_gen.oper_expression   1,2 
_pdbx_struct_assembly_gen.asym_id_list      A,B,C 
# 
loop_
_pdbx_struct_oper_list.id 
_pdbx_struct_oper_list.type 
_pdbx_struct_oper_list.name 
_pdbx_struct_oper_list.symmetry_operation 
_pdbx_struct_oper_list.matrix[1][1] 
_pdbx_struct_oper_list.matrix[1][2] 
_pdbx_struct_oper_list.matrix[1][3] 
_pdbx_struct_oper_list.vector[1] 
_pdbx_struct_oper_list.matrix[2][1] 
_pdbx_struct_oper_list.matrix[2][2] 
_pdbx_struct_oper_list.matrix[2][3] 
_pdbx_struct_oper_list.vector[2] 
_pdbx_struct_oper_list.matrix[3][1] 
_pdbx_struct_oper_list.matrix[3][2] 
_pdbx_struct_oper_list.matrix[3][3] 
_pdbx_struct_oper_list.vector[3] 
1 'identity operation'         1_555 x,y,z     1.0000000000 0.0000000000  0.0000000000  0.0000000000  0.0000000000  1.0000000000  0.0000000000 0.0000000000 0.0000000000  0.0000000000 1.0000000000  0.0000000000  
2 'crystal symmetry operation' 4_545 -x,-y-1,z 0.6192562229 -0.4789186957 -0.6222207110 -0.0422413656 -0.4789186957 -0.8583527956 0.1840308700 4.4731106503 -0.6222207110 0.1840308700 -0.7609034273 -3.5528484883 
# 
loop_
_pdbx_struct_conn_angle.id 
_pdbx_struct_conn_angle.ptnr1_label_atom_id 
_pdbx_struct_conn_angle.ptnr1_label_alt_id 
_pdbx_struct_conn_angle.ptnr1_label_asym_id 
_pdbx_struct_conn_angle.ptnr1_label_comp_id 
_pdbx_struct_conn_angle.ptnr1_label_seq_id 
_pdbx_struct_conn_angle.ptnr1_auth_atom_id 
_pdbx_struct_conn_angle.ptnr1_auth_asym_id 
_pdbx_struct_conn_angle.ptnr1_auth_comp_id 
_pdbx_struct_conn_angle.ptnr1_auth_seq_id 
_pdbx_struct_conn_angle.ptnr1_PDB_ins_code 
_pdbx_struct_conn_angle.ptnr1_symmetry 
_pdbx_struct_conn_angle.ptnr2_label_atom_id 
_pdbx_struct_conn_angle.ptnr2_label_alt_id 
_pdbx_struct_conn_angle.ptnr2_label_asym_id 
_pdbx_struct_conn_angle.ptnr2_label_comp_id 
_pdbx_struct_conn_angle.ptnr2_label_seq_id 
_pdbx_struct_conn_angle.ptnr2_auth_atom_id 
_pdbx_struct_conn_angle.ptnr2_auth_asym_id 
_pdbx_struct_conn_angle.ptnr2_auth_comp_id 
_pdbx_struct_conn_angle.ptnr2_auth_seq_id 
_pdbx_struct_conn_angle.ptnr2_PDB_ins_code 
_pdbx_struct_conn_angle.ptnr2_symmetry 
_pdbx_struct_conn_angle.ptnr3_label_atom_id 
_pdbx_struct_conn_angle.ptnr3_label_alt_id 
_pdbx_struct_conn_angle.ptnr3_label_asym_id 
_pdbx_struct_conn_angle.ptnr3_label_comp_id 
_pdbx_struct_conn_angle.ptnr3_label_seq_id 
_pdbx_struct_conn_angle.ptnr3_auth_atom_id 
_pdbx_struct_conn_angle.ptnr3_auth_asym_id 
_pdbx_struct_conn_angle.ptnr3_auth_comp_id 
_pdbx_struct_conn_angle.ptnr3_auth_seq_id 
_pdbx_struct_conn_angle.ptnr3_PDB_ins_code 
_pdbx_struct_conn_angle.ptnr3_symmetry 
_pdbx_struct_conn_angle.value 
_pdbx_struct_conn_angle.value_esd 
1 O ? C HOH . ? A HOH 202 ? 1_555 MG ? B MG . ? A MG 101 ? 1_555 O ? C HOH . ? A HOH 203 ? 1_555 154.5 ? 
2 O ? C HOH . ? A HOH 202 ? 1_555 MG ? B MG . ? A MG 101 ? 1_555 O ? C HOH . ? A HOH 204 ? 1_555 84.4  ? 
3 O ? C HOH . ? A HOH 203 ? 1_555 MG ? B MG . ? A MG 101 ? 1_555 O ? C HOH . ? A HOH 204 ? 1_555 73.4  ? 
# 
loop_
_pdbx_audit_revision_history.ordinal 
_pdbx_audit_revision_history.data_content_type 
_pdbx_audit_revision_history.major_revision 
_pdbx_audit_revision_history.minor_revision 
_pdbx_audit_revision_history.revision_date 
1 'Structure model' 1 0 2015-06-17 
2 'Structure model' 1 1 2015-09-09 
3 'Structure model' 1 2 2023-09-20 
# 
_pdbx_audit_revision_details.ordinal             1 
_pdbx_audit_revision_details.revision_ordinal    1 
_pdbx_audit_revision_details.data_content_type   'Structure model' 
_pdbx_audit_revision_details.provider            repository 
_pdbx_audit_revision_details.type                'Initial release' 
_pdbx_audit_revision_details.description         ? 
_pdbx_audit_revision_details.details             ? 
# 
loop_
_pdbx_audit_revision_group.ordinal 
_pdbx_audit_revision_group.revision_ordinal 
_pdbx_audit_revision_group.data_content_type 
_pdbx_audit_revision_group.group 
1 2 'Structure model' 'Database references'    
2 3 'Structure model' 'Data collection'        
3 3 'Structure model' 'Database references'    
4 3 'Structure model' 'Derived calculations'   
5 3 'Structure model' 'Refinement description' 
# 
loop_
_pdbx_audit_revision_category.ordinal 
_pdbx_audit_revision_category.revision_ordinal 
_pdbx_audit_revision_category.data_content_type 
_pdbx_audit_revision_category.category 
1 3 'Structure model' chem_comp_atom                
2 3 'Structure model' chem_comp_bond                
3 3 'Structure model' database_2                    
4 3 'Structure model' pdbx_initial_refinement_model 
5 3 'Structure model' struct_site                   
# 
loop_
_pdbx_audit_revision_item.ordinal 
_pdbx_audit_revision_item.revision_ordinal 
_pdbx_audit_revision_item.data_content_type 
_pdbx_audit_revision_item.item 
1 3 'Structure model' '_database_2.pdbx_DOI'                
2 3 'Structure model' '_database_2.pdbx_database_accession' 
3 3 'Structure model' '_struct_site.pdbx_auth_asym_id'      
4 3 'Structure model' '_struct_site.pdbx_auth_comp_id'      
5 3 'Structure model' '_struct_site.pdbx_auth_seq_id'       
# 
_pdbx_refine_tls.pdbx_refine_id   'X-RAY DIFFRACTION' 
_pdbx_refine_tls.id               1 
_pdbx_refine_tls.details          ? 
_pdbx_refine_tls.method           refined 
_pdbx_refine_tls.origin_x         -0.2346 
_pdbx_refine_tls.origin_y         0.0717 
_pdbx_refine_tls.origin_z         0.0450 
_pdbx_refine_tls.T[1][1]          0.3782 
_pdbx_refine_tls.T[2][2]          0.3617 
_pdbx_refine_tls.T[3][3]          0.2486 
_pdbx_refine_tls.T[1][2]          0.0623 
_pdbx_refine_tls.T[1][3]          -0.0170 
_pdbx_refine_tls.T[2][3]          0.0763 
_pdbx_refine_tls.L[1][1]          7.9989 
_pdbx_refine_tls.L[2][2]          4.4915 
_pdbx_refine_tls.L[3][3]          13.6169 
_pdbx_refine_tls.L[1][2]          0.6509 
_pdbx_refine_tls.L[1][3]          -7.8804 
_pdbx_refine_tls.L[2][3]          -3.9376 
_pdbx_refine_tls.S[1][1]          0.4471 
_pdbx_refine_tls.S[1][2]          0.6846 
_pdbx_refine_tls.S[1][3]          0.3667 
_pdbx_refine_tls.S[2][1]          0.6179 
_pdbx_refine_tls.S[2][2]          0.5496 
_pdbx_refine_tls.S[2][3]          0.5109 
_pdbx_refine_tls.S[3][1]          -1.5205 
_pdbx_refine_tls.S[3][2]          -0.7531 
_pdbx_refine_tls.S[3][3]          -0.9968 
# 
_pdbx_refine_tls_group.pdbx_refine_id      'X-RAY DIFFRACTION' 
_pdbx_refine_tls_group.id                  1 
_pdbx_refine_tls_group.refine_tls_id       1 
_pdbx_refine_tls_group.beg_auth_asym_id    A 
_pdbx_refine_tls_group.beg_auth_seq_id     1 
_pdbx_refine_tls_group.beg_label_asym_id   ? 
_pdbx_refine_tls_group.beg_label_seq_id    ? 
_pdbx_refine_tls_group.end_auth_asym_id    A 
_pdbx_refine_tls_group.end_auth_seq_id     13 
_pdbx_refine_tls_group.end_label_asym_id   ? 
_pdbx_refine_tls_group.end_label_seq_id    ? 
_pdbx_refine_tls_group.selection           ? 
_pdbx_refine_tls_group.selection_details   ? 
# 
_software.name             REFMAC 
_software.classification   refinement 
_software.version          5.8.0073 
_software.citation_id      ? 
_software.pdbx_ordinal     1 
# 
loop_
_pdbx_unobs_or_zero_occ_atoms.id 
_pdbx_unobs_or_zero_occ_atoms.PDB_model_num 
_pdbx_unobs_or_zero_occ_atoms.polymer_flag 
_pdbx_unobs_or_zero_occ_atoms.occupancy_flag 
_pdbx_unobs_or_zero_occ_atoms.auth_asym_id 
_pdbx_unobs_or_zero_occ_atoms.auth_comp_id 
_pdbx_unobs_or_zero_occ_atoms.auth_seq_id 
_pdbx_unobs_or_zero_occ_atoms.PDB_ins_code 
_pdbx_unobs_or_zero_occ_atoms.auth_atom_id 
_pdbx_unobs_or_zero_occ_atoms.label_alt_id 
_pdbx_unobs_or_zero_occ_atoms.label_asym_id 
_pdbx_unobs_or_zero_occ_atoms.label_comp_id 
_pdbx_unobs_or_zero_occ_atoms.label_seq_id 
_pdbx_unobs_or_zero_occ_atoms.label_atom_id 
1  1 Y 1 A DG 13 ? "C5'" ? A DG 13 "C5'" 
2  1 Y 1 A DG 13 ? "C4'" ? A DG 13 "C4'" 
3  1 Y 1 A DG 13 ? "O4'" ? A DG 13 "O4'" 
4  1 Y 1 A DG 13 ? "C3'" ? A DG 13 "C3'" 
5  1 Y 1 A DG 13 ? "O3'" ? A DG 13 "O3'" 
6  1 Y 1 A DG 13 ? "C2'" ? A DG 13 "C2'" 
7  1 Y 1 A DG 13 ? "C1'" ? A DG 13 "C1'" 
8  1 Y 1 A DG 13 ? N9    ? A DG 13 N9    
9  1 Y 1 A DG 13 ? C8    ? A DG 13 C8    
10 1 Y 1 A DG 13 ? N7    ? A DG 13 N7    
11 1 Y 1 A DG 13 ? C5    ? A DG 13 C5    
12 1 Y 1 A DG 13 ? C6    ? A DG 13 C6    
13 1 Y 1 A DG 13 ? O6    ? A DG 13 O6    
14 1 Y 1 A DG 13 ? N1    ? A DG 13 N1    
15 1 Y 1 A DG 13 ? C2    ? A DG 13 C2    
16 1 Y 1 A DG 13 ? N2    ? A DG 13 N2    
17 1 Y 1 A DG 13 ? N3    ? A DG 13 N3    
18 1 Y 1 A DG 13 ? C4    ? A DG 13 C4    
# 
loop_
_chem_comp_atom.comp_id 
_chem_comp_atom.atom_id 
_chem_comp_atom.type_symbol 
_chem_comp_atom.pdbx_aromatic_flag 
_chem_comp_atom.pdbx_stereo_config 
_chem_comp_atom.pdbx_ordinal 
DA  OP3    O  N N 1   
DA  P      P  N N 2   
DA  OP1    O  N N 3   
DA  OP2    O  N N 4   
DA  "O5'"  O  N N 5   
DA  "C5'"  C  N N 6   
DA  "C4'"  C  N R 7   
DA  "O4'"  O  N N 8   
DA  "C3'"  C  N S 9   
DA  "O3'"  O  N N 10  
DA  "C2'"  C  N N 11  
DA  "C1'"  C  N R 12  
DA  N9     N  Y N 13  
DA  C8     C  Y N 14  
DA  N7     N  Y N 15  
DA  C5     C  Y N 16  
DA  C6     C  Y N 17  
DA  N6     N  N N 18  
DA  N1     N  Y N 19  
DA  C2     C  Y N 20  
DA  N3     N  Y N 21  
DA  C4     C  Y N 22  
DA  HOP3   H  N N 23  
DA  HOP2   H  N N 24  
DA  "H5'"  H  N N 25  
DA  "H5''" H  N N 26  
DA  "H4'"  H  N N 27  
DA  "H3'"  H  N N 28  
DA  "HO3'" H  N N 29  
DA  "H2'"  H  N N 30  
DA  "H2''" H  N N 31  
DA  "H1'"  H  N N 32  
DA  H8     H  N N 33  
DA  H61    H  N N 34  
DA  H62    H  N N 35  
DA  H2     H  N N 36  
DC  OP3    O  N N 37  
DC  P      P  N N 38  
DC  OP1    O  N N 39  
DC  OP2    O  N N 40  
DC  "O5'"  O  N N 41  
DC  "C5'"  C  N N 42  
DC  "C4'"  C  N R 43  
DC  "O4'"  O  N N 44  
DC  "C3'"  C  N S 45  
DC  "O3'"  O  N N 46  
DC  "C2'"  C  N N 47  
DC  "C1'"  C  N R 48  
DC  N1     N  N N 49  
DC  C2     C  N N 50  
DC  O2     O  N N 51  
DC  N3     N  N N 52  
DC  C4     C  N N 53  
DC  N4     N  N N 54  
DC  C5     C  N N 55  
DC  C6     C  N N 56  
DC  HOP3   H  N N 57  
DC  HOP2   H  N N 58  
DC  "H5'"  H  N N 59  
DC  "H5''" H  N N 60  
DC  "H4'"  H  N N 61  
DC  "H3'"  H  N N 62  
DC  "HO3'" H  N N 63  
DC  "H2'"  H  N N 64  
DC  "H2''" H  N N 65  
DC  "H1'"  H  N N 66  
DC  H41    H  N N 67  
DC  H42    H  N N 68  
DC  H5     H  N N 69  
DC  H6     H  N N 70  
DG  OP3    O  N N 71  
DG  P      P  N N 72  
DG  OP1    O  N N 73  
DG  OP2    O  N N 74  
DG  "O5'"  O  N N 75  
DG  "C5'"  C  N N 76  
DG  "C4'"  C  N R 77  
DG  "O4'"  O  N N 78  
DG  "C3'"  C  N S 79  
DG  "O3'"  O  N N 80  
DG  "C2'"  C  N N 81  
DG  "C1'"  C  N R 82  
DG  N9     N  Y N 83  
DG  C8     C  Y N 84  
DG  N7     N  Y N 85  
DG  C5     C  Y N 86  
DG  C6     C  N N 87  
DG  O6     O  N N 88  
DG  N1     N  N N 89  
DG  C2     C  N N 90  
DG  N2     N  N N 91  
DG  N3     N  N N 92  
DG  C4     C  Y N 93  
DG  HOP3   H  N N 94  
DG  HOP2   H  N N 95  
DG  "H5'"  H  N N 96  
DG  "H5''" H  N N 97  
DG  "H4'"  H  N N 98  
DG  "H3'"  H  N N 99  
DG  "HO3'" H  N N 100 
DG  "H2'"  H  N N 101 
DG  "H2''" H  N N 102 
DG  "H1'"  H  N N 103 
DG  H8     H  N N 104 
DG  H1     H  N N 105 
DG  H21    H  N N 106 
DG  H22    H  N N 107 
DT  OP3    O  N N 108 
DT  P      P  N N 109 
DT  OP1    O  N N 110 
DT  OP2    O  N N 111 
DT  "O5'"  O  N N 112 
DT  "C5'"  C  N N 113 
DT  "C4'"  C  N R 114 
DT  "O4'"  O  N N 115 
DT  "C3'"  C  N S 116 
DT  "O3'"  O  N N 117 
DT  "C2'"  C  N N 118 
DT  "C1'"  C  N R 119 
DT  N1     N  N N 120 
DT  C2     C  N N 121 
DT  O2     O  N N 122 
DT  N3     N  N N 123 
DT  C4     C  N N 124 
DT  O4     O  N N 125 
DT  C5     C  N N 126 
DT  C7     C  N N 127 
DT  C6     C  N N 128 
DT  HOP3   H  N N 129 
DT  HOP2   H  N N 130 
DT  "H5'"  H  N N 131 
DT  "H5''" H  N N 132 
DT  "H4'"  H  N N 133 
DT  "H3'"  H  N N 134 
DT  "HO3'" H  N N 135 
DT  "H2'"  H  N N 136 
DT  "H2''" H  N N 137 
DT  "H1'"  H  N N 138 
DT  H3     H  N N 139 
DT  H71    H  N N 140 
DT  H72    H  N N 141 
DT  H73    H  N N 142 
DT  H6     H  N N 143 
HOH O      O  N N 144 
HOH H1     H  N N 145 
HOH H2     H  N N 146 
MG  MG     MG N N 147 
# 
loop_
_chem_comp_bond.comp_id 
_chem_comp_bond.atom_id_1 
_chem_comp_bond.atom_id_2 
_chem_comp_bond.value_order 
_chem_comp_bond.pdbx_aromatic_flag 
_chem_comp_bond.pdbx_stereo_config 
_chem_comp_bond.pdbx_ordinal 
DA  OP3   P      sing N N 1   
DA  OP3   HOP3   sing N N 2   
DA  P     OP1    doub N N 3   
DA  P     OP2    sing N N 4   
DA  P     "O5'"  sing N N 5   
DA  OP2   HOP2   sing N N 6   
DA  "O5'" "C5'"  sing N N 7   
DA  "C5'" "C4'"  sing N N 8   
DA  "C5'" "H5'"  sing N N 9   
DA  "C5'" "H5''" sing N N 10  
DA  "C4'" "O4'"  sing N N 11  
DA  "C4'" "C3'"  sing N N 12  
DA  "C4'" "H4'"  sing N N 13  
DA  "O4'" "C1'"  sing N N 14  
DA  "C3'" "O3'"  sing N N 15  
DA  "C3'" "C2'"  sing N N 16  
DA  "C3'" "H3'"  sing N N 17  
DA  "O3'" "HO3'" sing N N 18  
DA  "C2'" "C1'"  sing N N 19  
DA  "C2'" "H2'"  sing N N 20  
DA  "C2'" "H2''" sing N N 21  
DA  "C1'" N9     sing N N 22  
DA  "C1'" "H1'"  sing N N 23  
DA  N9    C8     sing Y N 24  
DA  N9    C4     sing Y N 25  
DA  C8    N7     doub Y N 26  
DA  C8    H8     sing N N 27  
DA  N7    C5     sing Y N 28  
DA  C5    C6     sing Y N 29  
DA  C5    C4     doub Y N 30  
DA  C6    N6     sing N N 31  
DA  C6    N1     doub Y N 32  
DA  N6    H61    sing N N 33  
DA  N6    H62    sing N N 34  
DA  N1    C2     sing Y N 35  
DA  C2    N3     doub Y N 36  
DA  C2    H2     sing N N 37  
DA  N3    C4     sing Y N 38  
DC  OP3   P      sing N N 39  
DC  OP3   HOP3   sing N N 40  
DC  P     OP1    doub N N 41  
DC  P     OP2    sing N N 42  
DC  P     "O5'"  sing N N 43  
DC  OP2   HOP2   sing N N 44  
DC  "O5'" "C5'"  sing N N 45  
DC  "C5'" "C4'"  sing N N 46  
DC  "C5'" "H5'"  sing N N 47  
DC  "C5'" "H5''" sing N N 48  
DC  "C4'" "O4'"  sing N N 49  
DC  "C4'" "C3'"  sing N N 50  
DC  "C4'" "H4'"  sing N N 51  
DC  "O4'" "C1'"  sing N N 52  
DC  "C3'" "O3'"  sing N N 53  
DC  "C3'" "C2'"  sing N N 54  
DC  "C3'" "H3'"  sing N N 55  
DC  "O3'" "HO3'" sing N N 56  
DC  "C2'" "C1'"  sing N N 57  
DC  "C2'" "H2'"  sing N N 58  
DC  "C2'" "H2''" sing N N 59  
DC  "C1'" N1     sing N N 60  
DC  "C1'" "H1'"  sing N N 61  
DC  N1    C2     sing N N 62  
DC  N1    C6     sing N N 63  
DC  C2    O2     doub N N 64  
DC  C2    N3     sing N N 65  
DC  N3    C4     doub N N 66  
DC  C4    N4     sing N N 67  
DC  C4    C5     sing N N 68  
DC  N4    H41    sing N N 69  
DC  N4    H42    sing N N 70  
DC  C5    C6     doub N N 71  
DC  C5    H5     sing N N 72  
DC  C6    H6     sing N N 73  
DG  OP3   P      sing N N 74  
DG  OP3   HOP3   sing N N 75  
DG  P     OP1    doub N N 76  
DG  P     OP2    sing N N 77  
DG  P     "O5'"  sing N N 78  
DG  OP2   HOP2   sing N N 79  
DG  "O5'" "C5'"  sing N N 80  
DG  "C5'" "C4'"  sing N N 81  
DG  "C5'" "H5'"  sing N N 82  
DG  "C5'" "H5''" sing N N 83  
DG  "C4'" "O4'"  sing N N 84  
DG  "C4'" "C3'"  sing N N 85  
DG  "C4'" "H4'"  sing N N 86  
DG  "O4'" "C1'"  sing N N 87  
DG  "C3'" "O3'"  sing N N 88  
DG  "C3'" "C2'"  sing N N 89  
DG  "C3'" "H3'"  sing N N 90  
DG  "O3'" "HO3'" sing N N 91  
DG  "C2'" "C1'"  sing N N 92  
DG  "C2'" "H2'"  sing N N 93  
DG  "C2'" "H2''" sing N N 94  
DG  "C1'" N9     sing N N 95  
DG  "C1'" "H1'"  sing N N 96  
DG  N9    C8     sing Y N 97  
DG  N9    C4     sing Y N 98  
DG  C8    N7     doub Y N 99  
DG  C8    H8     sing N N 100 
DG  N7    C5     sing Y N 101 
DG  C5    C6     sing N N 102 
DG  C5    C4     doub Y N 103 
DG  C6    O6     doub N N 104 
DG  C6    N1     sing N N 105 
DG  N1    C2     sing N N 106 
DG  N1    H1     sing N N 107 
DG  C2    N2     sing N N 108 
DG  C2    N3     doub N N 109 
DG  N2    H21    sing N N 110 
DG  N2    H22    sing N N 111 
DG  N3    C4     sing N N 112 
DT  OP3   P      sing N N 113 
DT  OP3   HOP3   sing N N 114 
DT  P     OP1    doub N N 115 
DT  P     OP2    sing N N 116 
DT  P     "O5'"  sing N N 117 
DT  OP2   HOP2   sing N N 118 
DT  "O5'" "C5'"  sing N N 119 
DT  "C5'" "C4'"  sing N N 120 
DT  "C5'" "H5'"  sing N N 121 
DT  "C5'" "H5''" sing N N 122 
DT  "C4'" "O4'"  sing N N 123 
DT  "C4'" "C3'"  sing N N 124 
DT  "C4'" "H4'"  sing N N 125 
DT  "O4'" "C1'"  sing N N 126 
DT  "C3'" "O3'"  sing N N 127 
DT  "C3'" "C2'"  sing N N 128 
DT  "C3'" "H3'"  sing N N 129 
DT  "O3'" "HO3'" sing N N 130 
DT  "C2'" "C1'"  sing N N 131 
DT  "C2'" "H2'"  sing N N 132 
DT  "C2'" "H2''" sing N N 133 
DT  "C1'" N1     sing N N 134 
DT  "C1'" "H1'"  sing N N 135 
DT  N1    C2     sing N N 136 
DT  N1    C6     sing N N 137 
DT  C2    O2     doub N N 138 
DT  C2    N3     sing N N 139 
DT  N3    C4     sing N N 140 
DT  N3    H3     sing N N 141 
DT  C4    O4     doub N N 142 
DT  C4    C5     sing N N 143 
DT  C5    C7     sing N N 144 
DT  C5    C6     doub N N 145 
DT  C7    H71    sing N N 146 
DT  C7    H72    sing N N 147 
DT  C7    H73    sing N N 148 
DT  C6    H6     sing N N 149 
HOH O     H1     sing N N 150 
HOH O     H2     sing N N 151 
# 
_ndb_struct_conf_na.entry_id   4RO7 
_ndb_struct_conf_na.feature    'b-form double helix' 
# 
loop_
_ndb_struct_na_base_pair.model_number 
_ndb_struct_na_base_pair.i_label_asym_id 
_ndb_struct_na_base_pair.i_label_comp_id 
_ndb_struct_na_base_pair.i_label_seq_id 
_ndb_struct_na_base_pair.i_symmetry 
_ndb_struct_na_base_pair.j_label_asym_id 
_ndb_struct_na_base_pair.j_label_comp_id 
_ndb_struct_na_base_pair.j_label_seq_id 
_ndb_struct_na_base_pair.j_symmetry 
_ndb_struct_na_base_pair.shear 
_ndb_struct_na_base_pair.stretch 
_ndb_struct_na_base_pair.stagger 
_ndb_struct_na_base_pair.buckle 
_ndb_struct_na_base_pair.propeller 
_ndb_struct_na_base_pair.opening 
_ndb_struct_na_base_pair.pair_number 
_ndb_struct_na_base_pair.pair_name 
_ndb_struct_na_base_pair.i_auth_asym_id 
_ndb_struct_na_base_pair.i_auth_seq_id 
_ndb_struct_na_base_pair.i_PDB_ins_code 
_ndb_struct_na_base_pair.j_auth_asym_id 
_ndb_struct_na_base_pair.j_auth_seq_id 
_ndb_struct_na_base_pair.j_PDB_ins_code 
_ndb_struct_na_base_pair.hbond_type_28 
_ndb_struct_na_base_pair.hbond_type_12 
1 A DA 4 1_555 A DT 9 4_545 -0.269 -0.168 0.194 -0.692 -12.276 2.310  1 A_DA4:DT9_A A 4 ? A 9 ? 20 1 
1 A DA 5 1_555 A DT 8 4_545 -0.391 -0.095 0.113 4.113  -17.891 6.381  2 A_DA5:DT8_A A 5 ? A 8 ? 20 1 
1 A DG 6 1_555 A DC 7 4_545 0.056  -0.065 0.281 2.815  -11.511 -0.166 3 A_DG6:DC7_A A 6 ? A 7 ? 19 1 
1 A DC 7 1_555 A DG 6 4_545 -0.056 -0.065 0.281 -2.815 -11.511 -0.166 4 A_DC7:DG6_A A 7 ? A 6 ? 19 1 
1 A DT 8 1_555 A DA 5 4_545 0.391  -0.095 0.113 -4.113 -17.891 6.381  5 A_DT8:DA5_A A 8 ? A 5 ? 20 1 
1 A DT 9 1_555 A DA 4 4_545 0.269  -0.168 0.194 0.692  -12.276 2.310  6 A_DT9:DA4_A A 9 ? A 4 ? 20 1 
# 
loop_
_ndb_struct_na_base_pair_step.model_number 
_ndb_struct_na_base_pair_step.i_label_asym_id_1 
_ndb_struct_na_base_pair_step.i_label_comp_id_1 
_ndb_struct_na_base_pair_step.i_label_seq_id_1 
_ndb_struct_na_base_pair_step.i_symmetry_1 
_ndb_struct_na_base_pair_step.j_label_asym_id_1 
_ndb_struct_na_base_pair_step.j_label_comp_id_1 
_ndb_struct_na_base_pair_step.j_label_seq_id_1 
_ndb_struct_na_base_pair_step.j_symmetry_1 
_ndb_struct_na_base_pair_step.i_label_asym_id_2 
_ndb_struct_na_base_pair_step.i_label_comp_id_2 
_ndb_struct_na_base_pair_step.i_label_seq_id_2 
_ndb_struct_na_base_pair_step.i_symmetry_2 
_ndb_struct_na_base_pair_step.j_label_asym_id_2 
_ndb_struct_na_base_pair_step.j_label_comp_id_2 
_ndb_struct_na_base_pair_step.j_label_seq_id_2 
_ndb_struct_na_base_pair_step.j_symmetry_2 
_ndb_struct_na_base_pair_step.shift 
_ndb_struct_na_base_pair_step.slide 
_ndb_struct_na_base_pair_step.rise 
_ndb_struct_na_base_pair_step.tilt 
_ndb_struct_na_base_pair_step.roll 
_ndb_struct_na_base_pair_step.twist 
_ndb_struct_na_base_pair_step.x_displacement 
_ndb_struct_na_base_pair_step.y_displacement 
_ndb_struct_na_base_pair_step.helical_rise 
_ndb_struct_na_base_pair_step.inclination 
_ndb_struct_na_base_pair_step.tip 
_ndb_struct_na_base_pair_step.helical_twist 
_ndb_struct_na_base_pair_step.step_number 
_ndb_struct_na_base_pair_step.step_name 
_ndb_struct_na_base_pair_step.i_auth_asym_id_1 
_ndb_struct_na_base_pair_step.i_auth_seq_id_1 
_ndb_struct_na_base_pair_step.i_PDB_ins_code_1 
_ndb_struct_na_base_pair_step.j_auth_asym_id_1 
_ndb_struct_na_base_pair_step.j_auth_seq_id_1 
_ndb_struct_na_base_pair_step.j_PDB_ins_code_1 
_ndb_struct_na_base_pair_step.i_auth_asym_id_2 
_ndb_struct_na_base_pair_step.i_auth_seq_id_2 
_ndb_struct_na_base_pair_step.i_PDB_ins_code_2 
_ndb_struct_na_base_pair_step.j_auth_asym_id_2 
_ndb_struct_na_base_pair_step.j_auth_seq_id_2 
_ndb_struct_na_base_pair_step.j_PDB_ins_code_2 
1 A DA 4 1_555 A DT 9 4_545 A DA 5 1_555 A DT 8 4_545 -0.421 0.182 3.188 2.125  -1.580 38.435 0.466  0.893  3.152 -2.397 -3.224 
38.523 1 AA_DA4DA5:DT8DT9_AA A 4 ? A 9 ? A 5 ? A 8 ? 
1 A DA 5 1_555 A DT 8 4_545 A DG 6 1_555 A DC 7 4_545 0.073  0.302 3.270 -3.879 3.586  36.228 -0.013 -0.651 3.259 5.730  6.197  
36.599 2 AA_DA5DG6:DC7DT8_AA A 5 ? A 8 ? A 6 ? A 7 ? 
1 A DG 6 1_555 A DC 7 4_545 A DC 7 1_555 A DG 6 4_545 0.000  0.279 3.370 0.000  -0.254 39.221 0.446  0.000  3.368 -0.378 0.000  
39.221 3 AA_DG6DC7:DG6DC7_AA A 6 ? A 7 ? A 7 ? A 6 ? 
1 A DC 7 1_555 A DG 6 4_545 A DT 8 1_555 A DA 5 4_545 -0.073 0.302 3.270 3.879  3.586  36.228 -0.013 0.651  3.259 5.730  -6.197 
36.599 4 AA_DC7DT8:DA5DG6_AA A 7 ? A 6 ? A 8 ? A 5 ? 
1 A DT 8 1_555 A DA 5 4_545 A DT 9 1_555 A DA 4 4_545 0.421  0.182 3.188 -2.125 -1.580 38.435 0.466  -0.893 3.152 -2.397 3.224  
38.523 5 AA_DT8DT9:DA4DA5_AA A 8 ? A 5 ? A 9 ? A 4 ? 
# 
loop_
_pdbx_entity_nonpoly.entity_id 
_pdbx_entity_nonpoly.name 
_pdbx_entity_nonpoly.comp_id 
2 'MAGNESIUM ION' MG  
3 water           HOH 
# 
_pdbx_initial_refinement_model.id               1 
_pdbx_initial_refinement_model.entity_id_list   ? 
_pdbx_initial_refinement_model.type             'experimental model' 
_pdbx_initial_refinement_model.source_name      PDB 
_pdbx_initial_refinement_model.accession_code   1P1Y 
_pdbx_initial_refinement_model.details          'PDB ENTRY 1P1Y' 
# 
